data_4B81
#
_entry.id   4B81
#
_cell.length_a   77.959
_cell.length_b   109.876
_cell.length_c   227.926
_cell.angle_alpha   90.00
_cell.angle_beta   90.00
_cell.angle_gamma   90.00
#
_symmetry.space_group_name_H-M   'P 21 21 21'
#
loop_
_entity.id
_entity.type
_entity.pdbx_description
1 polymer ACETYLCHOLINESTERASE
2 non-polymer 1-(4-chlorophenyl)-N-[2-(diethylamino)ethyl]methanesulfonamide
3 non-polymer 'SULFATE ION'
4 non-polymer 2-acetamido-2-deoxy-beta-D-glucopyranose
5 non-polymer DI(HYDROXYETHYL)ETHER
6 non-polymer 'HEXAETHYLENE GLYCOL'
7 water water
#
_entity_poly.entity_id   1
_entity_poly.type   'polypeptide(L)'
_entity_poly.pdbx_seq_one_letter_code
;EGREDPQLLVRVRGGQLRGIRLKAPGGPVSAFLGIPFAEPPVGSRRFMPPEPKRPWSGVLDATTFQNVCYQYVDTLYPGF
EGTEMWNPNRELSEDCLYLNVWTPYPRPASPTPVLIWIYGGGFYSGAASLDVYDGRFLAQVEGAVLVSMNYRVGTFGFLA
LPGSREAPGNVGLLDQRLALQWVQENIAAFGGDPMSVTLFGESAGAASVGMHILSLPSRSLFHRAVLQSGTPNGPWATVS
AGEARRRATLLARLVGCPPGGAGGNDTELIACLRTRPAQDLVDHEWHVLPQESIFRFSFVPVVDGDFLSDTPEALINTGD
FQDLQVLVGVVKDEGSYFLVYGVPGFSKDNESLISRAQFLAGVRIGVPQASDLAAEAVVLHYTDWLHPEDPTHLRDAMSA
VVGDHNVVCPVAQLAGRLAAQGARVYAYIFEHRASTLTWPLWMGVPHGYEIEFIFGLPLDPSLNYTTEERIFAQRLMKYW
TNFARTGDPNDPRDSKSPQWPPYTTAAQQYVSLNLKPLEVRRGLRAQTCAFWNRFLPKLLSATATEAP
;
_entity_poly.pdbx_strand_id   A,B
#
# COMPACT_ATOMS: atom_id res chain seq x y z
N GLU A 1 6.47 -68.78 1.52
CA GLU A 1 7.57 -68.27 0.73
C GLU A 1 7.94 -69.25 -0.38
N GLY A 2 9.22 -69.63 -0.41
CA GLY A 2 9.72 -70.63 -1.32
C GLY A 2 10.04 -70.12 -2.72
N ARG A 3 8.98 -69.80 -3.47
CA ARG A 3 9.09 -69.44 -4.88
C ARG A 3 8.95 -67.94 -5.13
N GLU A 4 9.00 -67.15 -4.06
CA GLU A 4 8.79 -65.72 -4.18
C GLU A 4 10.10 -64.94 -4.25
N ASP A 5 10.01 -63.69 -4.68
CA ASP A 5 11.15 -62.78 -4.63
C ASP A 5 11.50 -62.57 -3.17
N PRO A 6 12.71 -63.00 -2.78
CA PRO A 6 13.17 -62.93 -1.38
C PRO A 6 13.51 -61.51 -0.92
N GLN A 7 13.53 -60.57 -1.86
CA GLN A 7 13.93 -59.20 -1.56
C GLN A 7 12.73 -58.28 -1.29
N LEU A 8 11.53 -58.84 -1.41
CA LEU A 8 10.30 -58.09 -1.19
C LEU A 8 9.60 -58.56 0.10
N LEU A 9 10.33 -59.33 0.92
CA LEU A 9 9.77 -59.85 2.17
C LEU A 9 10.42 -59.18 3.38
N VAL A 10 9.62 -58.44 4.14
CA VAL A 10 10.08 -57.65 5.29
C VAL A 10 9.16 -57.89 6.49
N ARG A 11 9.71 -57.91 7.69
CA ARG A 11 8.91 -58.00 8.91
C ARG A 11 8.87 -56.64 9.63
N VAL A 12 7.67 -56.21 10.04
CA VAL A 12 7.52 -55.04 10.89
C VAL A 12 6.82 -55.45 12.19
N ARG A 13 6.71 -54.52 13.13
CA ARG A 13 6.19 -54.81 14.48
C ARG A 13 4.87 -55.57 14.49
N GLY A 14 4.06 -55.39 13.44
CA GLY A 14 2.79 -56.06 13.34
C GLY A 14 2.83 -57.43 12.66
N GLY A 15 3.89 -57.69 11.91
CA GLY A 15 4.02 -58.96 11.22
C GLY A 15 4.85 -58.90 9.95
N GLN A 16 4.64 -59.84 9.05
CA GLN A 16 5.40 -59.90 7.80
C GLN A 16 4.70 -59.21 6.63
N LEU A 17 5.49 -58.61 5.75
CA LEU A 17 4.96 -57.91 4.58
C LEU A 17 5.53 -58.48 3.29
N ARG A 18 4.66 -58.67 2.30
CA ARG A 18 5.11 -59.00 0.95
C ARG A 18 4.93 -57.76 0.08
N GLY A 19 6.05 -57.12 -0.25
CA GLY A 19 6.02 -55.92 -1.09
C GLY A 19 6.00 -56.25 -2.58
N ILE A 20 6.38 -55.27 -3.38
CA ILE A 20 6.30 -55.40 -4.83
C ILE A 20 7.46 -54.69 -5.54
N ARG A 21 7.97 -55.34 -6.58
CA ARG A 21 9.05 -54.78 -7.38
C ARG A 21 8.44 -53.91 -8.49
N LEU A 22 8.54 -52.59 -8.33
CA LEU A 22 7.98 -51.66 -9.31
C LEU A 22 9.02 -51.24 -10.33
N LYS A 23 8.56 -50.88 -11.53
CA LYS A 23 9.44 -50.38 -12.57
C LYS A 23 9.45 -48.85 -12.61
N ALA A 24 10.65 -48.28 -12.59
CA ALA A 24 10.85 -46.86 -12.86
C ALA A 24 11.68 -46.79 -14.13
N PRO A 25 11.57 -45.67 -14.89
CA PRO A 25 12.27 -45.55 -16.17
C PRO A 25 13.76 -45.88 -16.12
N GLY A 26 14.39 -45.70 -14.96
CA GLY A 26 15.80 -45.98 -14.83
C GLY A 26 16.16 -47.28 -14.12
N GLY A 27 15.15 -47.98 -13.61
CA GLY A 27 15.38 -49.26 -12.93
C GLY A 27 14.27 -49.65 -11.98
N PRO A 28 14.50 -50.72 -11.19
CA PRO A 28 13.46 -51.24 -10.29
C PRO A 28 13.45 -50.55 -8.92
N VAL A 29 12.28 -50.53 -8.29
CA VAL A 29 12.15 -50.02 -6.93
C VAL A 29 11.26 -50.94 -6.09
N SER A 30 11.50 -50.95 -4.79
CA SER A 30 10.71 -51.77 -3.88
C SER A 30 9.57 -50.92 -3.30
N ALA A 31 8.36 -51.48 -3.27
CA ALA A 31 7.22 -50.77 -2.69
C ALA A 31 6.43 -51.63 -1.72
N PHE A 32 6.04 -51.02 -0.61
CA PHE A 32 5.19 -51.68 0.36
C PHE A 32 3.96 -50.82 0.61
N LEU A 33 2.86 -51.18 -0.05
CA LEU A 33 1.66 -50.35 -0.06
C LEU A 33 0.52 -51.01 0.72
N GLY A 34 -0.12 -50.26 1.60
CA GLY A 34 -1.23 -50.76 2.38
C GLY A 34 -0.88 -51.33 3.75
N ILE A 35 0.26 -50.90 4.28
CA ILE A 35 0.67 -51.32 5.62
C ILE A 35 -0.18 -50.59 6.68
N PRO A 36 -0.99 -51.36 7.44
CA PRO A 36 -1.80 -50.73 8.49
C PRO A 36 -0.93 -50.28 9.66
N PHE A 37 -1.16 -49.07 10.15
CA PHE A 37 -0.39 -48.60 11.30
C PHE A 37 -1.30 -48.41 12.52
N ALA A 38 -2.60 -48.48 12.28
CA ALA A 38 -3.60 -48.31 13.34
C ALA A 38 -4.76 -49.30 13.24
N GLU A 39 -5.46 -49.51 14.35
CA GLU A 39 -6.73 -50.21 14.32
C GLU A 39 -7.76 -49.39 13.57
N PRO A 40 -8.55 -50.06 12.70
CA PRO A 40 -9.61 -49.42 11.90
C PRO A 40 -10.53 -48.55 12.76
N PRO A 41 -10.50 -47.24 12.54
CA PRO A 41 -11.24 -46.28 13.37
C PRO A 41 -12.70 -46.23 12.95
N VAL A 42 -13.44 -47.29 13.24
CA VAL A 42 -14.82 -47.42 12.81
C VAL A 42 -15.74 -47.69 14.00
N GLY A 43 -17.05 -47.71 13.74
CA GLY A 43 -18.04 -47.99 14.76
C GLY A 43 -17.97 -47.09 15.98
N SER A 44 -17.54 -47.64 17.11
CA SER A 44 -17.42 -46.88 18.34
C SER A 44 -16.08 -46.15 18.41
N ARG A 45 -15.24 -46.37 17.40
CA ARG A 45 -13.93 -45.72 17.33
C ARG A 45 -13.94 -44.50 16.40
N ARG A 46 -15.11 -44.18 15.84
CA ARG A 46 -15.26 -42.98 15.03
C ARG A 46 -15.09 -41.74 15.90
N PHE A 47 -14.42 -40.72 15.36
CA PHE A 47 -14.06 -39.48 16.08
C PHE A 47 -12.98 -39.65 17.16
N MET A 48 -12.55 -40.89 17.38
CA MET A 48 -11.60 -41.19 18.46
C MET A 48 -10.15 -41.23 17.98
N PRO A 49 -9.20 -41.00 18.91
CA PRO A 49 -7.78 -41.16 18.62
C PRO A 49 -7.48 -42.57 18.09
N PRO A 50 -6.43 -42.70 17.28
CA PRO A 50 -6.10 -44.01 16.72
C PRO A 50 -5.40 -44.91 17.73
N GLU A 51 -5.70 -46.21 17.70
CA GLU A 51 -4.97 -47.19 18.48
C GLU A 51 -4.02 -47.95 17.55
N PRO A 52 -2.86 -48.36 18.06
CA PRO A 52 -1.86 -49.12 17.26
C PRO A 52 -2.46 -50.39 16.66
N LYS A 53 -2.09 -50.70 15.42
CA LYS A 53 -2.59 -51.90 14.72
C LYS A 53 -2.24 -53.18 15.47
N ARG A 54 -3.26 -53.97 15.82
CA ARG A 54 -3.02 -55.29 16.41
C ARG A 54 -2.22 -56.16 15.43
N PRO A 55 -1.13 -56.78 15.92
CA PRO A 55 -0.27 -57.66 15.10
C PRO A 55 -1.05 -58.75 14.37
N TRP A 56 -0.76 -58.97 13.09
CA TRP A 56 -1.49 -59.96 12.30
C TRP A 56 -0.75 -61.29 12.14
N SER A 57 -1.49 -62.36 11.83
CA SER A 57 -0.86 -63.67 11.58
C SER A 57 -0.63 -63.85 10.07
N GLY A 58 0.45 -64.52 9.72
CA GLY A 58 0.80 -64.75 8.32
C GLY A 58 1.48 -63.59 7.64
N VAL A 59 1.59 -63.66 6.32
CA VAL A 59 2.18 -62.60 5.52
C VAL A 59 1.10 -61.67 4.94
N LEU A 60 1.23 -60.38 5.22
CA LEU A 60 0.32 -59.37 4.66
C LEU A 60 0.78 -58.95 3.26
N ASP A 61 -0.14 -58.98 2.31
CA ASP A 61 0.15 -58.49 0.95
C ASP A 61 0.24 -56.96 0.93
N ALA A 62 1.38 -56.44 0.48
CA ALA A 62 1.60 -54.99 0.39
C ALA A 62 1.96 -54.57 -1.03
N THR A 63 1.10 -54.93 -1.98
CA THR A 63 1.34 -54.68 -3.40
C THR A 63 0.39 -53.65 -3.99
N THR A 64 -0.70 -53.37 -3.28
CA THR A 64 -1.71 -52.43 -3.74
C THR A 64 -1.93 -51.33 -2.73
N PHE A 65 -2.32 -50.15 -3.20
CA PHE A 65 -2.72 -49.09 -2.28
C PHE A 65 -4.01 -49.52 -1.61
N GLN A 66 -4.16 -49.18 -0.34
CA GLN A 66 -5.38 -49.52 0.40
C GLN A 66 -6.45 -48.44 0.27
N ASN A 67 -7.52 -48.56 1.04
CA ASN A 67 -8.64 -47.64 0.94
C ASN A 67 -8.28 -46.17 1.21
N VAL A 68 -9.01 -45.27 0.57
CA VAL A 68 -8.87 -43.83 0.81
C VAL A 68 -9.84 -43.42 1.91
N CYS A 69 -9.40 -42.53 2.81
CA CYS A 69 -10.26 -42.07 3.90
C CYS A 69 -11.50 -41.36 3.38
N TYR A 70 -12.63 -41.61 4.04
CA TYR A 70 -13.90 -41.07 3.59
C TYR A 70 -13.86 -39.54 3.44
N GLN A 71 -14.28 -39.06 2.28
CA GLN A 71 -14.13 -37.65 1.94
C GLN A 71 -15.07 -37.18 0.84
N TYR A 72 -15.14 -35.86 0.69
CA TYR A 72 -15.96 -35.21 -0.33
C TYR A 72 -15.30 -35.34 -1.70
N VAL A 73 -16.09 -35.58 -2.74
CA VAL A 73 -15.55 -35.69 -4.09
C VAL A 73 -15.96 -34.50 -4.96
N ASP A 74 -15.01 -34.01 -5.75
CA ASP A 74 -15.24 -32.87 -6.65
C ASP A 74 -16.22 -33.24 -7.77
N THR A 75 -17.28 -32.46 -7.87
CA THR A 75 -18.30 -32.67 -8.91
C THR A 75 -18.30 -31.51 -9.91
N LEU A 76 -17.43 -30.53 -9.67
CA LEU A 76 -17.40 -29.32 -10.49
C LEU A 76 -17.07 -29.59 -11.96
N TYR A 77 -15.98 -30.30 -12.19
CA TYR A 77 -15.54 -30.56 -13.56
C TYR A 77 -15.32 -32.06 -13.80
N PRO A 78 -16.40 -32.77 -14.17
CA PRO A 78 -16.35 -34.23 -14.37
C PRO A 78 -15.44 -34.66 -15.51
N GLY A 79 -14.59 -35.65 -15.26
CA GLY A 79 -13.69 -36.15 -16.29
C GLY A 79 -12.57 -35.20 -16.71
N PHE A 80 -12.50 -34.04 -16.07
CA PHE A 80 -11.46 -33.07 -16.36
C PHE A 80 -10.23 -33.42 -15.54
N GLU A 81 -9.12 -33.67 -16.23
CA GLU A 81 -7.88 -34.14 -15.61
C GLU A 81 -7.41 -33.26 -14.45
N GLY A 82 -7.58 -31.95 -14.59
CA GLY A 82 -7.08 -31.00 -13.61
C GLY A 82 -7.72 -31.10 -12.24
N THR A 83 -8.89 -31.76 -12.19
CA THR A 83 -9.59 -31.98 -10.92
C THR A 83 -9.53 -33.45 -10.48
N GLU A 84 -9.67 -34.36 -11.44
CA GLU A 84 -9.67 -35.79 -11.15
C GLU A 84 -8.33 -36.26 -10.60
N MET A 85 -7.25 -35.58 -10.99
CA MET A 85 -5.90 -35.95 -10.55
C MET A 85 -5.75 -35.85 -9.03
N TRP A 86 -6.64 -35.11 -8.39
CA TRP A 86 -6.65 -34.98 -6.94
C TRP A 86 -7.73 -35.85 -6.30
N ASN A 87 -8.66 -36.33 -7.12
CA ASN A 87 -9.74 -37.17 -6.64
C ASN A 87 -9.29 -38.56 -6.16
N PRO A 88 -10.02 -39.13 -5.18
CA PRO A 88 -9.72 -40.47 -4.63
C PRO A 88 -9.65 -41.54 -5.72
N ASN A 89 -8.53 -42.27 -5.77
CA ASN A 89 -8.31 -43.28 -6.80
C ASN A 89 -8.36 -44.70 -6.26
N ARG A 90 -8.82 -44.83 -5.01
CA ARG A 90 -9.13 -46.12 -4.40
C ARG A 90 -10.49 -46.02 -3.73
N GLU A 91 -10.99 -47.13 -3.21
CA GLU A 91 -12.29 -47.15 -2.55
C GLU A 91 -12.31 -46.31 -1.28
N LEU A 92 -13.44 -45.69 -1.01
CA LEU A 92 -13.61 -44.88 0.21
C LEU A 92 -14.06 -45.73 1.39
N SER A 93 -13.40 -45.54 2.53
CA SER A 93 -13.71 -46.27 3.75
C SER A 93 -13.17 -45.53 4.97
N GLU A 94 -13.85 -45.69 6.12
CA GLU A 94 -13.34 -45.22 7.40
C GLU A 94 -12.16 -46.08 7.81
N ASP A 95 -12.09 -47.26 7.20
CA ASP A 95 -10.93 -48.14 7.31
C ASP A 95 -9.92 -47.71 6.27
N CYS A 96 -9.01 -46.81 6.67
CA CYS A 96 -8.16 -46.12 5.72
C CYS A 96 -6.79 -45.80 6.29
N LEU A 97 -6.55 -46.19 7.53
CA LEU A 97 -5.29 -45.87 8.19
C LEU A 97 -4.18 -46.85 7.78
N TYR A 98 -3.69 -46.71 6.55
CA TYR A 98 -2.60 -47.51 6.04
C TYR A 98 -1.51 -46.57 5.52
N LEU A 99 -0.25 -46.99 5.55
CA LEU A 99 0.84 -46.19 4.99
C LEU A 99 1.59 -46.95 3.90
N ASN A 100 2.31 -46.20 3.06
CA ASN A 100 3.09 -46.78 1.98
C ASN A 100 4.57 -46.49 2.13
N VAL A 101 5.42 -47.43 1.71
CA VAL A 101 6.87 -47.23 1.73
C VAL A 101 7.51 -47.51 0.37
N TRP A 102 8.37 -46.60 -0.07
CA TRP A 102 9.15 -46.80 -1.28
C TRP A 102 10.63 -46.92 -0.93
N THR A 103 11.34 -47.82 -1.61
CA THR A 103 12.75 -48.09 -1.35
C THR A 103 13.44 -48.57 -2.62
N PRO A 104 14.76 -48.35 -2.73
CA PRO A 104 15.51 -48.87 -3.89
C PRO A 104 15.45 -50.39 -4.01
N TYR A 105 15.83 -50.91 -5.18
CA TYR A 105 15.84 -52.35 -5.41
C TYR A 105 17.20 -52.83 -5.90
N PRO A 106 17.90 -53.64 -5.07
CA PRO A 106 17.45 -54.09 -3.75
C PRO A 106 17.51 -52.97 -2.70
N ARG A 107 17.00 -53.25 -1.50
CA ARG A 107 16.93 -52.27 -0.43
C ARG A 107 18.33 -51.81 -0.03
N PRO A 108 18.46 -50.61 0.56
CA PRO A 108 19.80 -50.04 0.80
C PRO A 108 20.62 -50.78 1.86
N ALA A 109 21.95 -50.78 1.68
CA ALA A 109 22.84 -51.40 2.65
C ALA A 109 23.02 -50.51 3.89
N SER A 110 23.54 -49.30 3.68
CA SER A 110 23.72 -48.32 4.74
C SER A 110 22.38 -47.73 5.16
N PRO A 111 22.27 -47.26 6.42
CA PRO A 111 21.07 -46.52 6.85
C PRO A 111 20.80 -45.28 5.99
N THR A 112 19.58 -45.16 5.47
CA THR A 112 19.27 -44.17 4.44
C THR A 112 18.20 -43.16 4.89
N PRO A 113 18.48 -41.85 4.74
CA PRO A 113 17.58 -40.76 5.16
C PRO A 113 16.14 -40.97 4.70
N VAL A 114 15.17 -40.64 5.57
CA VAL A 114 13.76 -40.89 5.29
C VAL A 114 12.97 -39.64 4.92
N LEU A 115 12.13 -39.75 3.90
CA LEU A 115 11.24 -38.67 3.49
C LEU A 115 9.78 -39.05 3.77
N ILE A 116 9.15 -38.33 4.68
CA ILE A 116 7.75 -38.61 5.00
C ILE A 116 6.80 -37.56 4.39
N TRP A 117 5.91 -38.02 3.51
CA TRP A 117 4.98 -37.13 2.83
C TRP A 117 3.61 -37.05 3.52
N ILE A 118 3.12 -35.82 3.72
CA ILE A 118 1.78 -35.59 4.23
C ILE A 118 0.99 -34.83 3.17
N TYR A 119 -0.07 -35.43 2.63
CA TYR A 119 -0.84 -34.80 1.57
C TYR A 119 -1.68 -33.61 2.07
N GLY A 120 -2.10 -32.76 1.13
CA GLY A 120 -2.97 -31.64 1.44
C GLY A 120 -4.40 -31.93 1.07
N GLY A 121 -5.16 -30.88 0.72
CA GLY A 121 -6.56 -31.04 0.41
C GLY A 121 -7.40 -30.50 1.55
N GLY A 122 -6.97 -29.36 2.10
CA GLY A 122 -7.72 -28.62 3.11
C GLY A 122 -8.39 -29.40 4.23
N PHE A 123 -7.76 -30.49 4.67
CA PHE A 123 -8.28 -31.35 5.74
C PHE A 123 -9.63 -32.01 5.46
N TYR A 124 -10.12 -31.88 4.22
CA TYR A 124 -11.38 -32.49 3.84
C TYR A 124 -11.19 -33.56 2.76
N SER A 125 -9.98 -33.62 2.20
CA SER A 125 -9.71 -34.50 1.08
C SER A 125 -8.25 -34.95 1.05
N GLY A 126 -7.92 -35.81 0.08
CA GLY A 126 -6.55 -36.25 -0.13
C GLY A 126 -6.33 -37.73 0.10
N ALA A 127 -5.26 -38.27 -0.50
CA ALA A 127 -4.87 -39.65 -0.35
C ALA A 127 -3.39 -39.80 -0.73
N ALA A 128 -2.71 -40.73 -0.08
CA ALA A 128 -1.30 -40.96 -0.35
C ALA A 128 -1.10 -41.83 -1.58
N SER A 129 -2.21 -42.33 -2.12
CA SER A 129 -2.20 -43.28 -3.23
C SER A 129 -2.28 -42.62 -4.61
N LEU A 130 -2.32 -41.29 -4.63
CA LEU A 130 -2.41 -40.50 -5.88
C LEU A 130 -1.14 -40.54 -6.71
N ASP A 131 -1.29 -40.46 -8.03
CA ASP A 131 -0.16 -40.56 -8.96
C ASP A 131 0.90 -39.48 -8.73
N VAL A 132 0.47 -38.32 -8.25
CA VAL A 132 1.38 -37.21 -8.00
C VAL A 132 2.22 -37.39 -6.73
N TYR A 133 1.85 -38.36 -5.91
CA TYR A 133 2.61 -38.66 -4.70
C TYR A 133 3.38 -39.98 -4.83
N ASP A 134 3.83 -40.26 -6.05
CA ASP A 134 4.52 -41.52 -6.36
C ASP A 134 6.01 -41.43 -6.00
N GLY A 135 6.39 -42.14 -4.93
CA GLY A 135 7.74 -42.08 -4.40
C GLY A 135 8.73 -42.95 -5.15
N ARG A 136 8.29 -43.52 -6.26
CA ARG A 136 9.13 -44.43 -7.03
C ARG A 136 10.31 -43.73 -7.70
N PHE A 137 10.18 -42.45 -7.98
CA PHE A 137 11.23 -41.72 -8.68
C PHE A 137 12.31 -41.23 -7.74
N LEU A 138 11.89 -40.73 -6.59
CA LEU A 138 12.83 -40.31 -5.56
C LEU A 138 13.67 -41.51 -5.08
N ALA A 139 13.00 -42.63 -4.86
CA ALA A 139 13.69 -43.85 -4.43
C ALA A 139 14.65 -44.38 -5.51
N GLN A 140 14.24 -44.28 -6.77
CA GLN A 140 15.07 -44.78 -7.86
C GLN A 140 16.26 -43.86 -8.13
N VAL A 141 15.97 -42.59 -8.37
CA VAL A 141 16.97 -41.62 -8.78
C VAL A 141 17.81 -41.07 -7.64
N GLU A 142 17.18 -40.82 -6.50
CA GLU A 142 17.91 -40.28 -5.36
C GLU A 142 18.22 -41.32 -4.28
N GLY A 143 17.75 -42.55 -4.48
CA GLY A 143 18.01 -43.63 -3.55
C GLY A 143 17.41 -43.40 -2.18
N ALA A 144 16.28 -42.71 -2.15
CA ALA A 144 15.66 -42.30 -0.89
C ALA A 144 14.67 -43.34 -0.37
N VAL A 145 14.43 -43.32 0.95
CA VAL A 145 13.32 -44.05 1.53
C VAL A 145 12.15 -43.09 1.65
N LEU A 146 10.98 -43.50 1.21
CA LEU A 146 9.83 -42.60 1.20
C LEU A 146 8.58 -43.23 1.81
N VAL A 147 8.10 -42.64 2.90
CA VAL A 147 6.87 -43.08 3.53
C VAL A 147 5.79 -42.05 3.23
N SER A 148 4.55 -42.49 3.10
CA SER A 148 3.42 -41.58 2.97
C SER A 148 2.18 -42.19 3.62
N MET A 149 1.68 -41.58 4.69
CA MET A 149 0.53 -42.11 5.42
C MET A 149 -0.81 -41.65 4.84
N ASN A 150 -1.87 -42.31 5.28
CA ASN A 150 -3.21 -41.79 5.11
C ASN A 150 -3.67 -41.32 6.48
N TYR A 151 -4.18 -40.08 6.55
CA TYR A 151 -4.76 -39.59 7.79
C TYR A 151 -6.26 -39.32 7.58
N ARG A 152 -7.04 -39.41 8.65
CA ARG A 152 -8.47 -39.09 8.57
C ARG A 152 -8.71 -37.61 8.29
N VAL A 153 -9.63 -37.33 7.36
CA VAL A 153 -9.93 -35.95 6.98
C VAL A 153 -11.40 -35.59 7.27
N GLY A 154 -11.73 -34.29 7.19
CA GLY A 154 -13.08 -33.81 7.43
C GLY A 154 -13.65 -34.15 8.80
N THR A 155 -14.93 -34.51 8.80
CA THR A 155 -15.65 -34.89 10.01
C THR A 155 -14.93 -35.99 10.79
N PHE A 156 -14.45 -37.00 10.08
CA PHE A 156 -13.89 -38.18 10.73
C PHE A 156 -12.52 -37.91 11.33
N GLY A 157 -11.84 -36.88 10.83
CA GLY A 157 -10.52 -36.56 11.32
C GLY A 157 -10.49 -35.37 12.26
N PHE A 158 -11.46 -34.47 12.12
CA PHE A 158 -11.35 -33.16 12.74
C PHE A 158 -12.60 -32.59 13.41
N LEU A 159 -13.72 -33.31 13.36
CA LEU A 159 -14.89 -32.89 14.13
C LEU A 159 -14.54 -32.95 15.62
N ALA A 160 -14.83 -31.87 16.33
CA ALA A 160 -14.48 -31.80 17.75
C ALA A 160 -15.60 -31.24 18.62
N LEU A 161 -15.69 -31.79 19.83
CA LEU A 161 -16.43 -31.14 20.90
C LEU A 161 -15.44 -30.99 22.05
N PRO A 162 -14.57 -29.95 21.95
CA PRO A 162 -13.38 -29.78 22.79
C PRO A 162 -13.65 -29.99 24.29
N GLY A 163 -12.76 -30.74 24.94
CA GLY A 163 -12.94 -31.08 26.34
C GLY A 163 -13.68 -32.40 26.54
N SER A 164 -14.18 -32.99 25.45
CA SER A 164 -14.89 -34.26 25.55
C SER A 164 -13.94 -35.44 25.42
N ARG A 165 -14.42 -36.61 25.83
CA ARG A 165 -13.66 -37.84 25.75
C ARG A 165 -13.92 -38.49 24.39
N GLU A 166 -15.12 -38.29 23.87
CA GLU A 166 -15.61 -39.02 22.70
C GLU A 166 -15.32 -38.31 21.38
N ALA A 167 -14.86 -37.07 21.45
CA ALA A 167 -14.45 -36.30 20.28
C ALA A 167 -13.55 -35.14 20.67
N PRO A 168 -12.30 -35.45 21.04
CA PRO A 168 -11.39 -34.40 21.50
C PRO A 168 -10.89 -33.56 20.35
N GLY A 169 -11.15 -34.02 19.12
CA GLY A 169 -10.70 -33.33 17.93
C GLY A 169 -9.22 -33.55 17.66
N ASN A 170 -8.76 -33.03 16.53
CA ASN A 170 -7.35 -33.16 16.11
C ASN A 170 -6.88 -34.59 15.87
N VAL A 171 -7.80 -35.55 15.74
CA VAL A 171 -7.39 -36.96 15.67
C VAL A 171 -6.75 -37.34 14.34
N GLY A 172 -7.00 -36.53 13.31
CA GLY A 172 -6.36 -36.75 12.02
C GLY A 172 -4.88 -36.46 12.11
N LEU A 173 -4.53 -35.54 13.00
CA LEU A 173 -3.13 -35.20 13.26
C LEU A 173 -2.50 -36.28 14.14
N LEU A 174 -3.33 -36.99 14.88
CA LEU A 174 -2.88 -38.11 15.70
C LEU A 174 -2.56 -39.31 14.82
N ASP A 175 -3.38 -39.52 13.78
CA ASP A 175 -3.12 -40.55 12.77
C ASP A 175 -1.74 -40.34 12.17
N GLN A 176 -1.42 -39.08 11.89
CA GLN A 176 -0.15 -38.69 11.30
C GLN A 176 1.01 -38.98 12.25
N ARG A 177 0.79 -38.68 13.53
CA ARG A 177 1.82 -38.88 14.54
C ARG A 177 2.09 -40.36 14.77
N LEU A 178 1.04 -41.18 14.78
CA LEU A 178 1.20 -42.62 14.98
C LEU A 178 2.04 -43.22 13.86
N ALA A 179 1.87 -42.66 12.66
CA ALA A 179 2.65 -43.09 11.51
C ALA A 179 4.11 -42.65 11.63
N LEU A 180 4.34 -41.52 12.30
CA LEU A 180 5.70 -41.07 12.54
C LEU A 180 6.42 -41.98 13.55
N GLN A 181 5.70 -42.45 14.56
CA GLN A 181 6.26 -43.38 15.54
C GLN A 181 6.50 -44.74 14.90
N TRP A 182 5.57 -45.14 14.03
CA TRP A 182 5.72 -46.36 13.26
C TRP A 182 7.04 -46.35 12.49
N VAL A 183 7.34 -45.21 11.88
CA VAL A 183 8.58 -45.04 11.14
C VAL A 183 9.79 -45.12 12.06
N GLN A 184 9.67 -44.53 13.24
CA GLN A 184 10.75 -44.60 14.23
C GLN A 184 11.10 -46.03 14.61
N GLU A 185 10.11 -46.92 14.61
CA GLU A 185 10.30 -48.28 15.10
C GLU A 185 10.57 -49.30 14.00
N ASN A 186 10.03 -49.03 12.82
CA ASN A 186 10.00 -50.03 11.75
C ASN A 186 10.83 -49.71 10.49
N ILE A 187 11.15 -48.44 10.30
CA ILE A 187 11.81 -47.99 9.06
C ILE A 187 13.19 -48.63 8.82
N ALA A 188 13.85 -49.06 9.90
CA ALA A 188 15.15 -49.72 9.79
C ALA A 188 15.07 -51.04 9.01
N ALA A 189 13.94 -51.73 9.10
CA ALA A 189 13.76 -52.98 8.37
C ALA A 189 13.60 -52.77 6.88
N PHE A 190 13.78 -51.54 6.43
CA PHE A 190 13.73 -51.21 5.01
C PHE A 190 15.02 -50.54 4.54
N GLY A 191 15.91 -50.23 5.48
CA GLY A 191 17.14 -49.54 5.16
C GLY A 191 17.01 -48.06 5.46
N GLY A 192 15.94 -47.71 6.15
CA GLY A 192 15.70 -46.34 6.55
C GLY A 192 16.39 -45.96 7.84
N ASP A 193 16.94 -44.75 7.87
CA ASP A 193 17.54 -44.18 9.07
C ASP A 193 16.48 -43.39 9.84
N PRO A 194 16.06 -43.90 11.00
CA PRO A 194 15.06 -43.21 11.82
C PRO A 194 15.68 -42.06 12.60
N MET A 195 16.90 -41.68 12.21
CA MET A 195 17.59 -40.55 12.83
C MET A 195 17.81 -39.44 11.80
N SER A 196 17.21 -39.61 10.63
CA SER A 196 17.27 -38.62 9.56
C SER A 196 15.92 -38.51 8.86
N VAL A 197 14.87 -38.29 9.65
CA VAL A 197 13.52 -38.17 9.11
C VAL A 197 13.17 -36.73 8.74
N THR A 198 12.91 -36.50 7.46
CA THR A 198 12.48 -35.18 6.98
C THR A 198 11.00 -35.20 6.63
N LEU A 199 10.21 -34.33 7.27
CA LEU A 199 8.81 -34.17 6.90
C LEU A 199 8.67 -33.23 5.69
N PHE A 200 7.76 -33.56 4.78
CA PHE A 200 7.36 -32.63 3.73
C PHE A 200 5.89 -32.82 3.32
N GLY A 201 5.21 -31.71 3.09
CA GLY A 201 3.79 -31.71 2.77
C GLY A 201 3.38 -30.43 2.07
N GLU A 202 2.16 -30.44 1.54
CA GLU A 202 1.67 -29.34 0.73
C GLU A 202 0.27 -28.92 1.21
N SER A 203 -0.02 -27.61 1.15
CA SER A 203 -1.33 -27.09 1.57
C SER A 203 -1.64 -27.50 3.01
N ALA A 204 -2.72 -28.25 3.20
CA ALA A 204 -3.06 -28.80 4.51
C ALA A 204 -1.93 -29.69 5.06
N GLY A 205 -1.21 -30.34 4.16
CA GLY A 205 -0.09 -31.18 4.55
C GLY A 205 1.05 -30.34 5.08
N ALA A 206 1.37 -29.27 4.37
CA ALA A 206 2.39 -28.33 4.85
C ALA A 206 1.98 -27.77 6.21
N ALA A 207 0.68 -27.47 6.34
CA ALA A 207 0.12 -26.97 7.59
C ALA A 207 0.37 -27.92 8.77
N SER A 208 0.16 -29.21 8.55
CA SER A 208 0.32 -30.20 9.60
C SER A 208 1.79 -30.46 9.96
N VAL A 209 2.66 -30.33 8.97
CA VAL A 209 4.09 -30.36 9.24
C VAL A 209 4.40 -29.27 10.27
N GLY A 210 3.84 -28.09 10.02
CA GLY A 210 3.93 -26.98 10.96
C GLY A 210 3.41 -27.35 12.34
N MET A 211 2.27 -28.04 12.38
CA MET A 211 1.66 -28.40 13.67
C MET A 211 2.46 -29.45 14.45
N HIS A 212 3.22 -30.28 13.74
CA HIS A 212 4.09 -31.26 14.39
C HIS A 212 5.32 -30.55 14.96
N ILE A 213 5.71 -29.47 14.31
CA ILE A 213 6.79 -28.63 14.81
C ILE A 213 6.34 -27.93 16.08
N LEU A 214 5.07 -27.55 16.13
CA LEU A 214 4.52 -26.83 17.27
C LEU A 214 3.94 -27.73 18.35
N SER A 215 3.82 -29.03 18.06
CA SER A 215 3.36 -29.98 19.08
C SER A 215 4.52 -30.82 19.64
N LEU A 216 4.68 -30.77 20.96
CA LEU A 216 5.84 -31.38 21.62
C LEU A 216 6.04 -32.89 21.40
N PRO A 217 4.98 -33.71 21.59
CA PRO A 217 5.18 -35.15 21.42
C PRO A 217 5.65 -35.55 20.01
N SER A 218 5.35 -34.72 19.01
CA SER A 218 5.75 -35.00 17.63
C SER A 218 7.19 -34.62 17.34
N ARG A 219 7.79 -33.82 18.21
CA ARG A 219 9.11 -33.24 17.95
C ARG A 219 10.26 -34.24 18.06
N SER A 220 9.96 -35.45 18.51
CA SER A 220 10.98 -36.49 18.61
C SER A 220 11.00 -37.37 17.36
N LEU A 221 9.98 -37.21 16.53
CA LEU A 221 9.74 -38.12 15.40
C LEU A 221 10.29 -37.62 14.07
N PHE A 222 10.95 -36.46 14.07
CA PHE A 222 11.57 -35.89 12.88
C PHE A 222 12.65 -34.88 13.22
N HIS A 223 13.40 -34.45 12.21
CA HIS A 223 14.60 -33.65 12.43
C HIS A 223 14.66 -32.42 11.53
N ARG A 224 14.01 -32.53 10.37
CA ARG A 224 13.91 -31.42 9.42
C ARG A 224 12.49 -31.37 8.86
N ALA A 225 12.14 -30.26 8.22
CA ALA A 225 10.78 -30.10 7.70
C ALA A 225 10.70 -29.20 6.47
N VAL A 226 9.71 -29.51 5.61
CA VAL A 226 9.44 -28.71 4.41
C VAL A 226 7.97 -28.33 4.36
N LEU A 227 7.69 -27.04 4.22
CA LEU A 227 6.31 -26.55 4.11
C LEU A 227 6.06 -25.94 2.73
N GLN A 228 5.31 -26.65 1.90
CA GLN A 228 5.02 -26.21 0.54
C GLN A 228 3.63 -25.59 0.47
N SER A 229 3.59 -24.28 0.27
CA SER A 229 2.35 -23.52 0.08
C SER A 229 1.30 -23.74 1.19
N GLY A 230 1.74 -23.76 2.44
CA GLY A 230 0.84 -23.96 3.56
C GLY A 230 1.51 -23.68 4.89
N THR A 231 0.70 -23.34 5.90
CA THR A 231 1.19 -22.95 7.22
C THR A 231 0.20 -23.31 8.33
N PRO A 232 0.71 -23.54 9.56
CA PRO A 232 -0.22 -23.76 10.67
C PRO A 232 -0.87 -22.45 11.09
N ASN A 233 -0.10 -21.36 11.04
CA ASN A 233 -0.62 -20.02 11.29
C ASN A 233 -1.38 -19.50 10.07
N GLY A 234 -2.50 -18.81 10.30
CA GLY A 234 -3.29 -18.28 9.20
C GLY A 234 -4.80 -18.40 9.37
N PRO A 235 -5.54 -18.04 8.31
CA PRO A 235 -7.01 -17.92 8.34
C PRO A 235 -7.76 -19.25 8.34
N TRP A 236 -7.24 -20.27 7.64
CA TRP A 236 -7.99 -21.51 7.39
C TRP A 236 -7.51 -22.75 8.14
N ALA A 237 -6.26 -22.77 8.58
CA ALA A 237 -5.64 -23.99 9.10
C ALA A 237 -6.09 -24.37 10.51
N THR A 238 -6.83 -23.49 11.17
CA THR A 238 -7.25 -23.73 12.56
C THR A 238 -8.58 -23.07 12.91
N VAL A 239 -9.25 -23.62 13.90
CA VAL A 239 -10.44 -22.98 14.48
C VAL A 239 -10.32 -22.96 16.01
N SER A 240 -11.11 -22.14 16.67
CA SER A 240 -11.16 -22.12 18.13
C SER A 240 -11.98 -23.29 18.65
N ALA A 241 -11.92 -23.52 19.96
CA ALA A 241 -12.74 -24.57 20.57
C ALA A 241 -14.22 -24.26 20.37
N GLY A 242 -14.61 -23.03 20.69
CA GLY A 242 -15.99 -22.60 20.53
C GLY A 242 -16.48 -22.78 19.11
N GLU A 243 -15.64 -22.39 18.14
CA GLU A 243 -16.04 -22.45 16.74
C GLU A 243 -16.14 -23.88 16.23
N ALA A 244 -15.20 -24.72 16.64
CA ALA A 244 -15.24 -26.13 16.31
C ALA A 244 -16.47 -26.79 16.94
N ARG A 245 -16.73 -26.45 18.20
CA ARG A 245 -17.92 -26.92 18.90
C ARG A 245 -19.19 -26.55 18.14
N ARG A 246 -19.23 -25.32 17.67
CA ARG A 246 -20.38 -24.81 16.95
C ARG A 246 -20.64 -25.59 15.67
N ARG A 247 -19.57 -25.90 14.93
CA ARG A 247 -19.72 -26.56 13.64
C ARG A 247 -20.10 -28.02 13.80
N ALA A 248 -19.75 -28.59 14.95
CA ALA A 248 -20.07 -29.97 15.25
C ALA A 248 -21.53 -30.11 15.67
N THR A 249 -21.99 -29.24 16.57
CA THR A 249 -23.38 -29.24 17.01
C THR A 249 -24.31 -28.98 15.84
N LEU A 250 -23.89 -28.07 14.96
CA LEU A 250 -24.70 -27.70 13.81
C LEU A 250 -24.82 -28.86 12.84
N LEU A 251 -23.71 -29.56 12.61
CA LEU A 251 -23.71 -30.73 11.74
C LEU A 251 -24.63 -31.81 12.26
N ALA A 252 -24.59 -32.04 13.57
CA ALA A 252 -25.45 -33.02 14.23
C ALA A 252 -26.93 -32.75 13.96
N ARG A 253 -27.32 -31.49 13.99
CA ARG A 253 -28.68 -31.11 13.64
C ARG A 253 -29.01 -31.47 12.20
N LEU A 254 -28.13 -31.05 11.29
CA LEU A 254 -28.35 -31.25 9.85
C LEU A 254 -28.49 -32.72 9.48
N VAL A 255 -27.97 -33.61 10.31
CA VAL A 255 -28.08 -35.05 10.04
C VAL A 255 -29.08 -35.77 10.95
N GLY A 256 -29.61 -35.07 11.94
CA GLY A 256 -30.69 -35.61 12.76
C GLY A 256 -30.43 -35.73 14.24
N CYS A 257 -29.27 -35.25 14.69
CA CYS A 257 -28.87 -35.41 16.08
C CYS A 257 -28.80 -34.08 16.80
N ASN A 265 -25.35 -32.55 26.65
CA ASN A 265 -24.56 -33.77 26.76
C ASN A 265 -23.88 -34.14 25.44
N ASP A 266 -22.55 -34.17 25.45
CA ASP A 266 -21.77 -34.50 24.26
C ASP A 266 -21.83 -36.00 23.95
N THR A 267 -21.88 -36.81 25.00
CA THR A 267 -21.92 -38.27 24.85
C THR A 267 -23.10 -38.72 24.00
N GLU A 268 -24.31 -38.43 24.47
CA GLU A 268 -25.53 -38.86 23.80
C GLU A 268 -25.65 -38.23 22.41
N LEU A 269 -24.91 -37.15 22.18
CA LEU A 269 -24.87 -36.47 20.88
C LEU A 269 -24.01 -37.23 19.86
N ILE A 270 -22.76 -37.47 20.24
CA ILE A 270 -21.81 -38.20 19.40
C ILE A 270 -22.29 -39.62 19.15
N ALA A 271 -22.91 -40.21 20.17
CA ALA A 271 -23.46 -41.56 20.09
C ALA A 271 -24.41 -41.67 18.89
N CYS A 272 -25.20 -40.61 18.68
CA CYS A 272 -26.12 -40.55 17.54
C CYS A 272 -25.34 -40.39 16.24
N LEU A 273 -24.32 -39.53 16.27
CA LEU A 273 -23.44 -39.32 15.11
C LEU A 273 -22.79 -40.61 14.60
N ARG A 274 -22.46 -41.51 15.53
CA ARG A 274 -21.81 -42.77 15.17
C ARG A 274 -22.78 -43.75 14.52
N THR A 275 -24.07 -43.47 14.68
CA THR A 275 -25.12 -44.28 14.05
C THR A 275 -25.40 -43.78 12.63
N ARG A 276 -24.66 -42.76 12.21
CA ARG A 276 -24.89 -42.14 10.91
C ARG A 276 -23.98 -42.71 9.83
N PRO A 277 -24.54 -42.92 8.62
CA PRO A 277 -23.75 -43.35 7.47
C PRO A 277 -22.69 -42.30 7.16
N ALA A 278 -21.52 -42.74 6.69
CA ALA A 278 -20.42 -41.81 6.45
C ALA A 278 -20.74 -40.75 5.40
N GLN A 279 -21.51 -41.12 4.39
CA GLN A 279 -21.88 -40.18 3.33
C GLN A 279 -22.80 -39.08 3.88
N ASP A 280 -23.65 -39.43 4.83
CA ASP A 280 -24.58 -38.47 5.43
C ASP A 280 -23.83 -37.33 6.13
N LEU A 281 -22.61 -37.62 6.58
CA LEU A 281 -21.76 -36.62 7.21
C LEU A 281 -21.01 -35.80 6.15
N VAL A 282 -20.59 -36.47 5.10
CA VAL A 282 -19.91 -35.82 3.98
C VAL A 282 -20.84 -34.88 3.23
N ASP A 283 -22.09 -35.29 3.07
CA ASP A 283 -23.07 -34.54 2.28
C ASP A 283 -23.55 -33.23 2.94
N HIS A 284 -23.21 -33.03 4.20
CA HIS A 284 -23.63 -31.82 4.92
C HIS A 284 -22.43 -31.08 5.50
N GLU A 285 -21.24 -31.49 5.09
CA GLU A 285 -20.00 -30.95 5.62
C GLU A 285 -19.82 -29.45 5.32
N TRP A 286 -20.06 -29.05 4.08
CA TRP A 286 -19.83 -27.65 3.69
C TRP A 286 -20.88 -26.68 4.23
N HIS A 287 -21.91 -27.23 4.87
CA HIS A 287 -23.05 -26.44 5.31
C HIS A 287 -22.84 -25.75 6.67
N VAL A 288 -21.76 -26.09 7.36
CA VAL A 288 -21.51 -25.52 8.68
C VAL A 288 -20.54 -24.33 8.65
N LEU A 289 -20.04 -23.98 7.47
CA LEU A 289 -19.28 -22.75 7.29
C LEU A 289 -20.19 -21.54 7.58
N PRO A 290 -19.70 -20.61 8.41
CA PRO A 290 -20.51 -19.48 8.91
C PRO A 290 -20.70 -18.38 7.86
N GLN A 291 -19.79 -18.31 6.88
CA GLN A 291 -19.95 -17.38 5.77
C GLN A 291 -19.75 -18.07 4.44
N GLU A 292 -20.35 -17.50 3.39
CA GLU A 292 -20.06 -17.89 2.02
C GLU A 292 -18.58 -17.61 1.79
N SER A 293 -17.77 -18.65 1.71
CA SER A 293 -16.32 -18.47 1.67
C SER A 293 -15.64 -19.28 0.57
N ILE A 294 -14.40 -18.92 0.28
CA ILE A 294 -13.47 -19.81 -0.42
C ILE A 294 -12.17 -19.88 0.39
N PHE A 295 -11.44 -20.97 0.22
CA PHE A 295 -10.25 -21.25 1.02
C PHE A 295 -10.59 -21.34 2.50
N ARG A 296 -11.80 -21.83 2.78
CA ARG A 296 -12.22 -22.14 4.14
C ARG A 296 -12.78 -23.55 4.17
N PHE A 297 -12.39 -24.31 5.20
CA PHE A 297 -12.79 -25.70 5.30
C PHE A 297 -13.47 -25.97 6.63
N SER A 298 -14.56 -26.73 6.60
CA SER A 298 -15.41 -26.95 7.76
C SER A 298 -14.68 -27.59 8.94
N PHE A 299 -14.06 -28.74 8.71
CA PHE A 299 -13.45 -29.47 9.81
C PHE A 299 -11.94 -29.56 9.73
N VAL A 300 -11.29 -28.66 10.48
CA VAL A 300 -9.84 -28.51 10.50
C VAL A 300 -9.33 -28.62 11.93
N PRO A 301 -7.99 -28.71 12.11
CA PRO A 301 -7.40 -28.72 13.45
C PRO A 301 -7.94 -27.64 14.39
N VAL A 302 -8.21 -28.04 15.63
CA VAL A 302 -8.78 -27.12 16.62
C VAL A 302 -7.73 -26.78 17.68
N VAL A 303 -7.74 -25.54 18.17
CA VAL A 303 -6.87 -25.14 19.27
C VAL A 303 -7.48 -25.62 20.58
N ASP A 304 -6.94 -26.72 21.12
CA ASP A 304 -7.59 -27.47 22.20
C ASP A 304 -6.88 -27.43 23.55
N GLY A 305 -5.70 -26.81 23.59
CA GLY A 305 -4.88 -26.84 24.79
C GLY A 305 -4.33 -28.23 25.08
N ASP A 306 -4.02 -28.98 24.03
CA ASP A 306 -3.44 -30.32 24.15
C ASP A 306 -2.44 -30.59 23.04
N PHE A 307 -2.93 -30.93 21.85
CA PHE A 307 -2.06 -31.02 20.69
C PHE A 307 -1.48 -29.62 20.43
N LEU A 308 -2.36 -28.62 20.55
CA LEU A 308 -1.94 -27.23 20.43
C LEU A 308 -2.15 -26.50 21.75
N SER A 309 -1.05 -26.27 22.47
CA SER A 309 -1.13 -25.60 23.78
C SER A 309 -1.73 -24.19 23.66
N ASP A 310 -1.39 -23.48 22.60
CA ASP A 310 -1.98 -22.18 22.31
C ASP A 310 -2.28 -22.09 20.81
N THR A 311 -2.41 -20.87 20.30
CA THR A 311 -2.56 -20.66 18.86
C THR A 311 -1.19 -20.76 18.20
N PRO A 312 -1.17 -21.19 16.92
CA PRO A 312 0.10 -21.25 16.18
C PRO A 312 0.84 -19.92 16.21
N GLU A 313 0.12 -18.83 15.97
CA GLU A 313 0.70 -17.49 16.02
C GLU A 313 1.35 -17.21 17.37
N ALA A 314 0.66 -17.57 18.46
CA ALA A 314 1.24 -17.47 19.79
C ALA A 314 2.52 -18.29 19.86
N LEU A 315 2.38 -19.56 19.52
CA LEU A 315 3.48 -20.52 19.57
C LEU A 315 4.68 -20.14 18.68
N ILE A 316 4.43 -19.68 17.46
CA ILE A 316 5.52 -19.28 16.56
C ILE A 316 6.19 -17.99 17.01
N ASN A 317 5.50 -17.23 17.86
CA ASN A 317 6.04 -15.96 18.37
C ASN A 317 6.90 -16.14 19.61
N THR A 318 6.54 -17.12 20.43
CA THR A 318 7.24 -17.35 21.69
C THR A 318 8.35 -18.41 21.54
N GLY A 319 8.01 -19.49 20.85
CA GLY A 319 8.85 -20.69 20.80
C GLY A 319 10.31 -20.57 20.38
N ASP A 320 11.09 -21.58 20.78
CA ASP A 320 12.51 -21.65 20.45
C ASP A 320 12.76 -22.69 19.36
N PHE A 321 13.34 -22.25 18.24
CA PHE A 321 13.65 -23.15 17.13
C PHE A 321 15.12 -23.10 16.81
N GLN A 322 15.96 -23.21 17.83
CA GLN A 322 17.41 -23.04 17.67
C GLN A 322 17.99 -23.99 16.63
N ASP A 323 17.79 -25.28 16.83
CA ASP A 323 18.30 -26.28 15.89
C ASP A 323 17.20 -26.90 15.05
N LEU A 324 16.48 -26.05 14.31
CA LEU A 324 15.49 -26.54 13.36
C LEU A 324 15.88 -26.12 11.94
N GLN A 325 15.75 -27.05 11.00
CA GLN A 325 15.92 -26.69 9.58
C GLN A 325 14.59 -26.81 8.82
N VAL A 326 14.20 -25.72 8.18
CA VAL A 326 12.95 -25.67 7.43
C VAL A 326 13.18 -25.23 5.99
N LEU A 327 12.43 -25.83 5.07
CA LEU A 327 12.36 -25.35 3.70
C LEU A 327 10.93 -24.91 3.44
N VAL A 328 10.74 -23.63 3.12
CA VAL A 328 9.40 -23.10 2.86
C VAL A 328 9.31 -22.48 1.47
N GLY A 329 8.10 -22.39 0.94
CA GLY A 329 7.93 -21.77 -0.36
C GLY A 329 6.50 -21.76 -0.87
N VAL A 330 6.29 -20.99 -1.93
CA VAL A 330 4.98 -20.79 -2.51
C VAL A 330 5.05 -20.88 -4.02
N VAL A 331 3.92 -21.11 -4.69
CA VAL A 331 3.89 -21.05 -6.14
C VAL A 331 3.39 -19.67 -6.57
N LYS A 332 3.55 -19.34 -7.85
CA LYS A 332 3.30 -17.98 -8.34
C LYS A 332 1.86 -17.53 -8.14
N ASP A 333 0.90 -18.41 -8.42
CA ASP A 333 -0.51 -18.08 -8.32
C ASP A 333 -1.24 -18.99 -7.33
N GLU A 334 -1.07 -18.72 -6.04
CA GLU A 334 -1.65 -19.55 -4.99
C GLU A 334 -3.20 -19.47 -4.94
N GLY A 335 -3.78 -18.48 -5.58
CA GLY A 335 -5.20 -18.22 -5.42
C GLY A 335 -6.11 -18.48 -6.61
N SER A 336 -5.53 -18.56 -7.81
CA SER A 336 -6.32 -18.71 -9.03
C SER A 336 -7.24 -19.92 -9.00
N TYR A 337 -6.76 -21.01 -8.42
CA TYR A 337 -7.52 -22.26 -8.30
C TYR A 337 -8.88 -22.06 -7.62
N PHE A 338 -8.86 -21.36 -6.50
CA PHE A 338 -10.05 -21.27 -5.64
C PHE A 338 -11.17 -20.40 -6.22
N LEU A 339 -10.82 -19.51 -7.14
CA LEU A 339 -11.77 -18.56 -7.68
C LEU A 339 -12.93 -19.22 -8.42
N VAL A 340 -12.65 -20.34 -9.09
CA VAL A 340 -13.69 -21.02 -9.88
C VAL A 340 -14.66 -21.82 -9.02
N TYR A 341 -14.42 -21.84 -7.72
CA TYR A 341 -15.24 -22.64 -6.80
C TYR A 341 -16.20 -21.82 -5.93
N GLY A 342 -16.26 -20.51 -6.16
CA GLY A 342 -17.09 -19.65 -5.34
C GLY A 342 -17.34 -18.24 -5.85
N VAL A 343 -16.32 -17.63 -6.44
CA VAL A 343 -16.43 -16.25 -6.90
C VAL A 343 -17.13 -16.14 -8.26
N PRO A 344 -18.30 -15.47 -8.28
CA PRO A 344 -19.06 -15.31 -9.52
C PRO A 344 -18.25 -14.54 -10.56
N GLY A 345 -18.30 -14.98 -11.81
CA GLY A 345 -17.52 -14.37 -12.87
C GLY A 345 -16.36 -15.27 -13.26
N PHE A 346 -16.06 -16.23 -12.39
CA PHE A 346 -14.89 -17.09 -12.61
C PHE A 346 -15.23 -18.50 -13.10
N SER A 347 -14.47 -18.95 -14.10
CA SER A 347 -14.59 -20.29 -14.68
C SER A 347 -13.33 -20.61 -15.47
N LYS A 348 -12.98 -21.89 -15.54
CA LYS A 348 -11.80 -22.34 -16.27
C LYS A 348 -12.03 -22.36 -17.79
N ASP A 349 -13.25 -22.06 -18.21
CA ASP A 349 -13.60 -22.17 -19.62
C ASP A 349 -13.70 -20.82 -20.34
N ASN A 350 -13.74 -19.73 -19.58
CA ASN A 350 -13.50 -18.40 -20.14
C ASN A 350 -12.30 -17.72 -19.49
N GLU A 351 -12.01 -16.50 -19.90
CA GLU A 351 -10.85 -15.77 -19.40
C GLU A 351 -11.11 -15.13 -18.03
N SER A 352 -12.34 -15.29 -17.55
CA SER A 352 -12.76 -14.80 -16.23
C SER A 352 -12.54 -13.30 -16.03
N LEU A 353 -12.79 -12.52 -17.07
CA LEU A 353 -12.71 -11.07 -16.96
C LEU A 353 -13.92 -10.57 -16.16
N ILE A 354 -13.64 -9.90 -15.03
CA ILE A 354 -14.70 -9.47 -14.12
C ILE A 354 -14.85 -7.95 -14.01
N SER A 355 -16.02 -7.53 -13.49
CA SER A 355 -16.30 -6.13 -13.21
C SER A 355 -15.81 -5.74 -11.82
N ARG A 356 -15.68 -4.44 -11.59
CA ARG A 356 -15.29 -3.93 -10.29
C ARG A 356 -16.33 -4.33 -9.25
N ALA A 357 -17.58 -4.46 -9.67
CA ALA A 357 -18.63 -4.93 -8.78
C ALA A 357 -18.41 -6.38 -8.37
N GLN A 358 -17.93 -7.19 -9.32
CA GLN A 358 -17.64 -8.59 -9.03
C GLN A 358 -16.37 -8.75 -8.21
N PHE A 359 -15.41 -7.88 -8.44
CA PHE A 359 -14.19 -7.86 -7.64
C PHE A 359 -14.56 -7.55 -6.19
N LEU A 360 -15.52 -6.64 -6.04
CA LEU A 360 -16.04 -6.25 -4.72
C LEU A 360 -16.66 -7.41 -3.96
N ALA A 361 -17.58 -8.12 -4.61
CA ALA A 361 -18.25 -9.26 -3.98
C ALA A 361 -17.25 -10.36 -3.64
N GLY A 362 -16.26 -10.57 -4.51
CA GLY A 362 -15.26 -11.61 -4.34
C GLY A 362 -14.40 -11.39 -3.11
N VAL A 363 -14.12 -10.14 -2.80
CA VAL A 363 -13.31 -9.79 -1.65
C VAL A 363 -14.03 -10.16 -0.35
N ARG A 364 -15.36 -10.00 -0.35
CA ARG A 364 -16.17 -10.41 0.80
C ARG A 364 -16.21 -11.93 0.94
N ILE A 365 -15.92 -12.61 -0.16
CA ILE A 365 -15.89 -14.07 -0.19
C ILE A 365 -14.50 -14.61 0.14
N GLY A 366 -13.46 -14.01 -0.44
CA GLY A 366 -12.09 -14.40 -0.18
C GLY A 366 -11.64 -14.04 1.22
N VAL A 367 -12.23 -12.99 1.77
CA VAL A 367 -11.92 -12.53 3.12
C VAL A 367 -13.20 -12.46 3.94
N PRO A 368 -13.82 -13.63 4.21
CA PRO A 368 -15.17 -13.64 4.80
C PRO A 368 -15.24 -13.09 6.21
N GLN A 369 -14.10 -12.97 6.88
CA GLN A 369 -14.06 -12.49 8.26
C GLN A 369 -13.78 -10.98 8.33
N ALA A 370 -13.95 -10.29 7.22
CA ALA A 370 -13.67 -8.86 7.17
C ALA A 370 -14.93 -8.02 7.30
N SER A 371 -14.88 -7.02 8.17
CA SER A 371 -15.92 -5.98 8.19
C SER A 371 -15.82 -5.21 6.88
N ASP A 372 -16.85 -4.44 6.57
CA ASP A 372 -16.88 -3.68 5.33
C ASP A 372 -15.67 -2.75 5.21
N LEU A 373 -15.19 -2.24 6.34
CA LEU A 373 -14.03 -1.36 6.35
C LEU A 373 -12.74 -2.08 5.96
N ALA A 374 -12.51 -3.25 6.54
CA ALA A 374 -11.34 -4.05 6.21
C ALA A 374 -11.41 -4.48 4.75
N ALA A 375 -12.59 -4.90 4.33
CA ALA A 375 -12.84 -5.26 2.95
C ALA A 375 -12.49 -4.10 2.03
N GLU A 376 -12.99 -2.91 2.39
CA GLU A 376 -12.67 -1.68 1.69
C GLU A 376 -11.15 -1.50 1.56
N ALA A 377 -10.46 -1.60 2.69
CA ALA A 377 -9.00 -1.48 2.70
C ALA A 377 -8.34 -2.41 1.68
N VAL A 378 -8.78 -3.67 1.66
CA VAL A 378 -8.29 -4.65 0.69
C VAL A 378 -8.54 -4.19 -0.76
N VAL A 379 -9.78 -3.82 -1.06
CA VAL A 379 -10.13 -3.33 -2.39
C VAL A 379 -9.24 -2.16 -2.78
N LEU A 380 -9.01 -1.24 -1.84
CA LEU A 380 -8.17 -0.06 -2.09
C LEU A 380 -6.70 -0.40 -2.33
N HIS A 381 -6.20 -1.40 -1.61
CA HIS A 381 -4.79 -1.77 -1.75
C HIS A 381 -4.53 -2.45 -3.09
N TYR A 382 -5.42 -3.34 -3.48
CA TYR A 382 -5.22 -4.16 -4.67
C TYR A 382 -5.68 -3.49 -5.97
N THR A 383 -6.46 -2.42 -5.84
CA THR A 383 -6.89 -1.65 -7.00
C THR A 383 -5.70 -0.98 -7.67
N ASP A 384 -5.66 -1.06 -9.00
CA ASP A 384 -4.70 -0.28 -9.78
C ASP A 384 -5.36 1.05 -10.13
N TRP A 385 -5.07 2.09 -9.36
CA TRP A 385 -5.75 3.37 -9.54
C TRP A 385 -5.41 4.08 -10.85
N LEU A 386 -4.54 3.46 -11.64
CA LEU A 386 -4.30 3.91 -13.01
C LEU A 386 -5.31 3.26 -13.97
N HIS A 387 -5.77 2.07 -13.59
CA HIS A 387 -6.76 1.34 -14.39
C HIS A 387 -7.74 0.60 -13.48
N PRO A 388 -8.51 1.34 -12.67
CA PRO A 388 -9.29 0.72 -11.59
C PRO A 388 -10.51 -0.07 -12.07
N GLU A 389 -10.70 -0.13 -13.38
CA GLU A 389 -11.85 -0.81 -13.95
C GLU A 389 -11.44 -1.86 -14.97
N ASP A 390 -10.14 -2.09 -15.08
CA ASP A 390 -9.60 -3.05 -16.04
C ASP A 390 -9.90 -4.48 -15.60
N PRO A 391 -10.78 -5.17 -16.36
CA PRO A 391 -11.24 -6.52 -16.02
C PRO A 391 -10.10 -7.52 -15.89
N THR A 392 -9.08 -7.36 -16.73
CA THR A 392 -7.91 -8.23 -16.66
C THR A 392 -7.15 -8.04 -15.36
N HIS A 393 -6.94 -6.79 -14.96
CA HIS A 393 -6.24 -6.53 -13.71
C HIS A 393 -7.06 -6.98 -12.50
N LEU A 394 -8.36 -6.69 -12.53
CA LEU A 394 -9.26 -7.08 -11.44
C LEU A 394 -9.22 -8.59 -11.21
N ARG A 395 -9.19 -9.34 -12.31
CA ARG A 395 -9.08 -10.80 -12.28
C ARG A 395 -7.77 -11.22 -11.62
N ASP A 396 -6.66 -10.69 -12.12
CA ASP A 396 -5.34 -11.03 -11.60
C ASP A 396 -5.19 -10.61 -10.13
N ALA A 397 -5.95 -9.60 -9.73
CA ALA A 397 -5.89 -9.10 -8.36
C ALA A 397 -6.81 -9.88 -7.41
N MET A 398 -7.90 -10.42 -7.94
CA MET A 398 -8.79 -11.25 -7.15
C MET A 398 -8.03 -12.48 -6.67
N SER A 399 -7.25 -13.08 -7.56
CA SER A 399 -6.47 -14.27 -7.21
C SER A 399 -5.36 -13.89 -6.25
N ALA A 400 -4.80 -12.71 -6.45
CA ALA A 400 -3.71 -12.24 -5.58
C ALA A 400 -4.19 -11.95 -4.16
N VAL A 401 -5.41 -11.45 -4.02
CA VAL A 401 -6.03 -11.32 -2.71
C VAL A 401 -6.05 -12.68 -2.00
N VAL A 402 -6.74 -13.64 -2.62
CA VAL A 402 -6.87 -14.99 -2.07
C VAL A 402 -5.51 -15.64 -1.82
N GLY A 403 -4.60 -15.49 -2.76
CA GLY A 403 -3.26 -16.03 -2.65
C GLY A 403 -2.47 -15.47 -1.48
N ASP A 404 -2.36 -14.15 -1.42
CA ASP A 404 -1.60 -13.48 -0.37
C ASP A 404 -2.20 -13.70 1.01
N HIS A 405 -3.52 -13.66 1.10
CA HIS A 405 -4.23 -13.77 2.36
C HIS A 405 -4.07 -15.15 3.02
N ASN A 406 -4.16 -16.20 2.20
CA ASN A 406 -4.18 -17.56 2.72
C ASN A 406 -2.83 -18.29 2.77
N VAL A 407 -1.93 -17.97 1.83
CA VAL A 407 -0.65 -18.68 1.75
C VAL A 407 0.56 -17.75 1.85
N VAL A 408 0.71 -16.88 0.86
CA VAL A 408 1.95 -16.12 0.68
C VAL A 408 2.38 -15.33 1.92
N CYS A 409 1.44 -14.64 2.56
CA CYS A 409 1.76 -13.83 3.72
C CYS A 409 1.89 -14.62 5.02
N PRO A 410 1.00 -15.60 5.25
CA PRO A 410 1.25 -16.46 6.42
C PRO A 410 2.60 -17.17 6.33
N VAL A 411 3.01 -17.57 5.12
CA VAL A 411 4.31 -18.20 4.93
C VAL A 411 5.45 -17.25 5.27
N ALA A 412 5.39 -16.03 4.73
CA ALA A 412 6.41 -15.03 5.02
C ALA A 412 6.42 -14.68 6.50
N GLN A 413 5.23 -14.61 7.08
CA GLN A 413 5.06 -14.43 8.52
C GLN A 413 5.81 -15.54 9.28
N LEU A 414 5.67 -16.77 8.79
CA LEU A 414 6.30 -17.91 9.41
C LEU A 414 7.79 -17.97 9.13
N ALA A 415 8.15 -17.71 7.87
CA ALA A 415 9.57 -17.75 7.48
C ALA A 415 10.38 -16.68 8.20
N GLY A 416 9.69 -15.65 8.70
CA GLY A 416 10.34 -14.56 9.39
C GLY A 416 10.49 -14.83 10.87
N ARG A 417 9.47 -15.41 11.48
CA ARG A 417 9.50 -15.69 12.92
C ARG A 417 10.53 -16.78 13.23
N LEU A 418 10.42 -17.89 12.51
CA LEU A 418 11.36 -19.00 12.61
C LEU A 418 12.80 -18.51 12.42
N ALA A 419 13.03 -17.72 11.37
CA ALA A 419 14.37 -17.24 11.06
C ALA A 419 14.88 -16.23 12.09
N ALA A 420 13.97 -15.73 12.92
CA ALA A 420 14.32 -14.76 13.94
C ALA A 420 14.60 -15.47 15.26
N GLN A 421 14.01 -16.65 15.42
CA GLN A 421 14.12 -17.38 16.67
C GLN A 421 14.99 -18.62 16.55
N GLY A 422 15.97 -18.56 15.65
CA GLY A 422 17.03 -19.57 15.61
C GLY A 422 17.05 -20.55 14.45
N ALA A 423 15.89 -20.81 13.85
CA ALA A 423 15.78 -21.82 12.81
C ALA A 423 16.60 -21.48 11.57
N ARG A 424 17.06 -22.51 10.85
CA ARG A 424 17.62 -22.29 9.51
C ARG A 424 16.52 -22.43 8.48
N VAL A 425 16.31 -21.36 7.71
CA VAL A 425 15.17 -21.27 6.80
C VAL A 425 15.61 -21.02 5.37
N TYR A 426 15.19 -21.91 4.46
CA TYR A 426 15.37 -21.66 3.03
C TYR A 426 14.01 -21.44 2.39
N ALA A 427 13.92 -20.46 1.49
CA ALA A 427 12.65 -20.08 0.87
C ALA A 427 12.70 -20.04 -0.66
N TYR A 428 11.60 -20.42 -1.30
CA TYR A 428 11.52 -20.45 -2.76
C TYR A 428 10.19 -19.91 -3.25
N ILE A 429 10.20 -19.40 -4.48
CA ILE A 429 8.97 -19.16 -5.22
C ILE A 429 9.00 -20.12 -6.42
N PHE A 430 7.93 -20.88 -6.62
CA PHE A 430 7.87 -21.80 -7.76
C PHE A 430 7.15 -21.15 -8.92
N GLU A 431 7.88 -20.94 -10.02
CA GLU A 431 7.41 -20.07 -11.10
C GLU A 431 7.17 -20.76 -12.43
N HIS A 432 7.36 -22.07 -12.48
CA HIS A 432 7.24 -22.78 -13.74
C HIS A 432 5.87 -23.41 -13.98
N ARG A 433 5.18 -22.94 -15.02
CA ARG A 433 3.92 -23.54 -15.44
C ARG A 433 4.19 -24.79 -16.28
N ALA A 434 3.70 -25.94 -15.80
CA ALA A 434 3.83 -27.20 -16.54
C ALA A 434 3.22 -27.07 -17.93
N SER A 435 3.94 -27.57 -18.94
CA SER A 435 3.45 -27.57 -20.31
C SER A 435 2.27 -28.52 -20.42
N THR A 436 2.16 -29.39 -19.42
CA THR A 436 1.10 -30.40 -19.36
C THR A 436 -0.16 -29.89 -18.67
N LEU A 437 -0.12 -28.65 -18.19
CA LEU A 437 -1.22 -28.09 -17.41
C LEU A 437 -2.54 -28.08 -18.20
N THR A 438 -3.61 -28.56 -17.58
CA THR A 438 -4.93 -28.58 -18.22
C THR A 438 -5.79 -27.37 -17.84
N TRP A 439 -5.30 -26.58 -16.89
CA TRP A 439 -5.97 -25.36 -16.50
C TRP A 439 -5.65 -24.25 -17.49
N PRO A 440 -6.54 -23.24 -17.61
CA PRO A 440 -6.30 -22.12 -18.55
C PRO A 440 -5.05 -21.35 -18.17
N LEU A 441 -4.54 -20.54 -19.10
CA LEU A 441 -3.31 -19.80 -18.83
C LEU A 441 -3.48 -18.75 -17.76
N TRP A 442 -4.67 -18.17 -17.65
CA TRP A 442 -4.91 -17.08 -16.70
C TRP A 442 -4.71 -17.50 -15.24
N MET A 443 -4.76 -18.79 -14.98
CA MET A 443 -4.51 -19.30 -13.63
C MET A 443 -3.01 -19.40 -13.32
N GLY A 444 -2.18 -19.24 -14.35
CA GLY A 444 -0.74 -19.16 -14.15
C GLY A 444 -0.12 -20.43 -13.61
N VAL A 445 0.58 -20.32 -12.48
CA VAL A 445 1.09 -21.50 -11.78
C VAL A 445 0.23 -21.72 -10.54
N PRO A 446 -0.82 -22.55 -10.66
CA PRO A 446 -1.79 -22.72 -9.57
C PRO A 446 -1.29 -23.54 -8.38
N HIS A 447 -2.18 -23.73 -7.43
CA HIS A 447 -1.88 -24.38 -6.15
C HIS A 447 -1.65 -25.88 -6.33
N GLY A 448 -0.47 -26.36 -5.91
CA GLY A 448 -0.17 -27.78 -5.95
C GLY A 448 0.44 -28.29 -7.23
N TYR A 449 0.96 -27.40 -8.07
CA TYR A 449 1.53 -27.83 -9.33
C TYR A 449 3.07 -27.77 -9.37
N GLU A 450 3.66 -27.66 -8.20
CA GLU A 450 5.08 -27.89 -8.01
C GLU A 450 5.29 -29.35 -7.60
N ILE A 451 4.23 -29.95 -7.05
CA ILE A 451 4.26 -31.30 -6.52
C ILE A 451 4.73 -32.34 -7.54
N GLU A 452 4.15 -32.28 -8.74
CA GLU A 452 4.48 -33.22 -9.81
C GLU A 452 5.92 -33.07 -10.29
N PHE A 453 6.62 -32.07 -9.76
CA PHE A 453 8.03 -31.86 -10.11
C PHE A 453 8.98 -32.28 -8.99
N ILE A 454 8.50 -32.21 -7.75
CA ILE A 454 9.26 -32.69 -6.60
C ILE A 454 9.31 -34.22 -6.63
N PHE A 455 8.16 -34.83 -6.89
CA PHE A 455 8.09 -36.28 -6.95
C PHE A 455 8.71 -36.85 -8.23
N GLY A 456 8.93 -35.99 -9.23
CA GLY A 456 9.69 -36.37 -10.41
C GLY A 456 8.91 -37.07 -11.50
N LEU A 457 7.62 -36.81 -11.55
CA LEU A 457 6.74 -37.34 -12.60
C LEU A 457 7.17 -37.06 -14.06
N PRO A 458 7.83 -35.91 -14.35
CA PRO A 458 8.30 -35.72 -15.73
C PRO A 458 9.24 -36.80 -16.23
N LEU A 459 9.76 -37.62 -15.32
CA LEU A 459 10.61 -38.75 -15.66
C LEU A 459 9.85 -39.89 -16.35
N ASP A 460 8.53 -39.96 -16.10
CA ASP A 460 7.65 -40.88 -16.80
C ASP A 460 7.49 -40.41 -18.23
N PRO A 461 8.03 -41.17 -19.19
CA PRO A 461 8.07 -40.77 -20.59
C PRO A 461 6.67 -40.70 -21.21
N SER A 462 5.75 -41.47 -20.65
CA SER A 462 4.37 -41.49 -21.13
C SER A 462 3.63 -40.17 -20.86
N LEU A 463 4.19 -39.33 -20.00
CA LEU A 463 3.51 -38.11 -19.58
C LEU A 463 3.71 -36.91 -20.53
N ASN A 464 4.54 -37.10 -21.56
CA ASN A 464 4.72 -36.10 -22.61
C ASN A 464 5.27 -34.74 -22.14
N TYR A 465 6.07 -34.73 -21.08
CA TYR A 465 6.74 -33.49 -20.65
C TYR A 465 7.84 -33.12 -21.63
N THR A 466 8.66 -32.12 -21.27
CA THR A 466 9.75 -31.68 -22.13
C THR A 466 11.10 -32.08 -21.53
N THR A 467 12.14 -32.03 -22.35
CA THR A 467 13.48 -32.38 -21.89
C THR A 467 13.95 -31.43 -20.78
N GLU A 468 13.61 -30.15 -20.91
CA GLU A 468 13.94 -29.16 -19.89
C GLU A 468 13.15 -29.40 -18.60
N GLU A 469 11.88 -29.78 -18.75
CA GLU A 469 11.02 -30.08 -17.60
C GLU A 469 11.53 -31.32 -16.86
N ARG A 470 12.21 -32.20 -17.60
CA ARG A 470 12.85 -33.38 -17.04
C ARG A 470 14.04 -33.01 -16.17
N ILE A 471 14.96 -32.24 -16.75
CA ILE A 471 16.15 -31.75 -16.05
C ILE A 471 15.74 -30.94 -14.83
N PHE A 472 14.79 -30.05 -15.03
CA PHE A 472 14.24 -29.21 -13.98
C PHE A 472 13.73 -30.06 -12.81
N ALA A 473 12.93 -31.07 -13.14
CA ALA A 473 12.40 -31.98 -12.13
C ALA A 473 13.55 -32.65 -11.39
N GLN A 474 14.55 -33.08 -12.14
CA GLN A 474 15.76 -33.67 -11.57
C GLN A 474 16.40 -32.71 -10.58
N ARG A 475 16.57 -31.45 -10.98
CA ARG A 475 17.24 -30.46 -10.14
C ARG A 475 16.52 -30.23 -8.81
N LEU A 476 15.19 -30.24 -8.85
CA LEU A 476 14.38 -30.06 -7.64
C LEU A 476 14.54 -31.22 -6.66
N MET A 477 14.46 -32.44 -7.17
CA MET A 477 14.62 -33.64 -6.36
C MET A 477 15.96 -33.60 -5.64
N LYS A 478 16.98 -33.09 -6.31
CA LYS A 478 18.27 -32.83 -5.68
C LYS A 478 18.13 -31.89 -4.47
N TYR A 479 17.54 -30.72 -4.68
CA TYR A 479 17.32 -29.75 -3.62
C TYR A 479 16.62 -30.35 -2.43
N TRP A 480 15.51 -31.03 -2.70
CA TRP A 480 14.71 -31.64 -1.66
C TRP A 480 15.45 -32.74 -0.89
N THR A 481 16.10 -33.65 -1.62
CA THR A 481 16.86 -34.73 -1.00
C THR A 481 18.14 -34.28 -0.30
N ASN A 482 18.90 -33.42 -0.95
CA ASN A 482 20.07 -32.82 -0.31
C ASN A 482 19.69 -32.15 1.00
N PHE A 483 18.59 -31.42 0.99
CA PHE A 483 18.08 -30.78 2.20
C PHE A 483 17.70 -31.83 3.26
N ALA A 484 17.14 -32.95 2.80
CA ALA A 484 16.70 -34.00 3.71
C ALA A 484 17.85 -34.66 4.48
N ARG A 485 19.02 -34.76 3.84
CA ARG A 485 20.18 -35.37 4.48
C ARG A 485 21.12 -34.36 5.12
N THR A 486 21.33 -33.23 4.46
CA THR A 486 22.24 -32.20 4.97
C THR A 486 21.55 -31.13 5.81
N GLY A 487 20.33 -30.76 5.44
CA GLY A 487 19.68 -29.60 6.03
C GLY A 487 20.01 -28.38 5.19
N ASP A 488 20.40 -28.66 3.95
CA ASP A 488 20.88 -27.65 3.02
C ASP A 488 20.69 -28.15 1.59
N PRO A 489 19.79 -27.48 0.83
CA PRO A 489 19.44 -27.88 -0.53
C PRO A 489 20.62 -27.80 -1.49
N ASN A 490 21.63 -27.02 -1.13
CA ASN A 490 22.82 -26.85 -1.96
C ASN A 490 23.67 -28.12 -2.02
N ASP A 491 24.10 -28.48 -3.23
CA ASP A 491 25.07 -29.56 -3.41
C ASP A 491 26.45 -29.06 -2.98
N PRO A 492 27.18 -29.87 -2.20
CA PRO A 492 28.51 -29.51 -1.68
C PRO A 492 29.61 -29.61 -2.73
N ARG A 493 29.53 -30.62 -3.58
CA ARG A 493 30.45 -30.79 -4.70
C ARG A 493 30.38 -29.60 -5.64
N ASP A 494 29.23 -29.45 -6.31
CA ASP A 494 28.99 -28.39 -7.27
C ASP A 494 28.91 -27.01 -6.58
N SER A 495 29.96 -26.20 -6.78
CA SER A 495 29.99 -24.84 -6.26
C SER A 495 29.97 -23.81 -7.40
N LYS A 496 30.16 -24.29 -8.62
CA LYS A 496 30.11 -23.45 -9.80
C LYS A 496 28.71 -22.85 -10.01
N SER A 497 27.69 -23.71 -9.99
CA SER A 497 26.29 -23.31 -10.12
C SER A 497 25.88 -22.39 -8.96
N PRO A 498 24.79 -21.61 -9.15
CA PRO A 498 24.41 -20.63 -8.13
C PRO A 498 24.05 -21.25 -6.77
N GLN A 499 24.25 -20.51 -5.68
CA GLN A 499 23.91 -20.98 -4.35
C GLN A 499 22.52 -20.51 -3.91
N TRP A 500 22.05 -21.03 -2.78
CA TRP A 500 20.71 -20.75 -2.25
C TRP A 500 20.86 -20.37 -0.77
N PRO A 501 20.87 -19.07 -0.48
CA PRO A 501 21.10 -18.57 0.89
C PRO A 501 19.90 -18.75 1.80
N PRO A 502 20.14 -18.85 3.12
CA PRO A 502 19.04 -18.93 4.08
C PRO A 502 18.22 -17.64 4.12
N TYR A 503 16.90 -17.76 4.28
CA TYR A 503 16.06 -16.57 4.47
C TYR A 503 16.33 -15.97 5.85
N THR A 504 16.89 -14.76 5.87
CA THR A 504 17.12 -14.03 7.13
C THR A 504 16.15 -12.88 7.27
N THR A 505 15.91 -12.45 8.51
CA THR A 505 15.14 -11.24 8.77
C THR A 505 15.86 -10.06 8.13
N ALA A 506 17.18 -10.07 8.24
CA ALA A 506 18.04 -9.01 7.69
C ALA A 506 17.87 -8.79 6.19
N ALA A 507 18.19 -9.82 5.40
CA ALA A 507 18.22 -9.68 3.94
C ALA A 507 16.99 -10.23 3.24
N GLN A 508 16.27 -11.12 3.90
CA GLN A 508 15.07 -11.73 3.35
C GLN A 508 15.26 -12.32 1.95
N GLN A 509 16.33 -13.08 1.77
CA GLN A 509 16.58 -13.72 0.48
C GLN A 509 15.74 -14.98 0.27
N TYR A 510 15.35 -15.19 -0.99
CA TYR A 510 14.66 -16.41 -1.41
C TYR A 510 15.02 -16.67 -2.88
N VAL A 511 14.79 -17.89 -3.37
CA VAL A 511 15.13 -18.22 -4.76
C VAL A 511 13.93 -18.45 -5.67
N SER A 512 14.13 -18.18 -6.96
CA SER A 512 13.16 -18.52 -7.98
C SER A 512 13.38 -19.98 -8.42
N LEU A 513 12.29 -20.72 -8.55
CA LEU A 513 12.38 -22.06 -9.11
C LEU A 513 11.70 -22.10 -10.48
N ASN A 514 12.53 -22.12 -11.52
CA ASN A 514 12.08 -22.18 -12.91
C ASN A 514 13.08 -22.94 -13.79
N LEU A 515 12.81 -22.99 -15.09
CA LEU A 515 13.70 -23.68 -16.02
C LEU A 515 15.09 -23.03 -16.10
N LYS A 516 15.22 -21.87 -15.47
CA LYS A 516 16.48 -21.15 -15.42
C LYS A 516 17.19 -21.40 -14.09
N PRO A 517 18.51 -21.14 -14.04
CA PRO A 517 19.28 -21.27 -12.80
C PRO A 517 18.68 -20.44 -11.66
N LEU A 518 19.10 -20.73 -10.44
CA LEU A 518 18.62 -20.00 -9.27
C LEU A 518 18.82 -18.49 -9.41
N GLU A 519 17.80 -17.73 -9.03
CA GLU A 519 17.89 -16.29 -8.97
C GLU A 519 17.53 -15.88 -7.56
N VAL A 520 18.44 -15.17 -6.89
CA VAL A 520 18.18 -14.73 -5.52
C VAL A 520 17.36 -13.44 -5.53
N ARG A 521 16.25 -13.44 -4.80
CA ARG A 521 15.42 -12.25 -4.66
C ARG A 521 15.27 -11.88 -3.21
N ARG A 522 15.14 -10.58 -2.95
CA ARG A 522 14.97 -10.09 -1.59
C ARG A 522 13.55 -9.62 -1.37
N GLY A 523 13.01 -9.90 -0.19
CA GLY A 523 11.66 -9.46 0.13
C GLY A 523 10.60 -10.32 -0.51
N LEU A 524 9.84 -11.03 0.32
CA LEU A 524 8.78 -11.90 -0.15
C LEU A 524 7.44 -11.19 -0.02
N ARG A 525 7.09 -10.40 -1.04
CA ARG A 525 5.91 -9.53 -1.00
C ARG A 525 5.91 -8.67 0.25
N ALA A 526 7.08 -8.12 0.56
CA ALA A 526 7.33 -7.42 1.82
C ALA A 526 6.25 -6.39 2.18
N GLN A 527 6.01 -5.44 1.27
CA GLN A 527 4.99 -4.42 1.48
C GLN A 527 3.58 -4.97 1.63
N THR A 528 3.14 -5.74 0.65
CA THR A 528 1.78 -6.28 0.64
C THR A 528 1.52 -7.23 1.84
N CYS A 529 2.58 -7.77 2.41
CA CYS A 529 2.40 -8.69 3.53
C CYS A 529 2.36 -7.98 4.88
N ALA A 530 3.07 -6.86 4.98
CA ALA A 530 2.96 -6.03 6.18
C ALA A 530 1.54 -5.47 6.28
N PHE A 531 0.88 -5.32 5.14
CA PHE A 531 -0.53 -5.00 5.11
C PHE A 531 -1.33 -6.09 5.81
N TRP A 532 -1.29 -7.29 5.25
CA TRP A 532 -2.03 -8.42 5.79
C TRP A 532 -1.63 -8.81 7.21
N ASN A 533 -0.33 -8.78 7.49
CA ASN A 533 0.19 -9.34 8.74
C ASN A 533 0.27 -8.39 9.93
N ARG A 534 0.41 -7.10 9.65
CA ARG A 534 0.53 -6.10 10.71
C ARG A 534 -0.72 -5.25 10.88
N PHE A 535 -1.34 -4.87 9.77
CA PHE A 535 -2.43 -3.88 9.79
C PHE A 535 -3.83 -4.42 10.04
N LEU A 536 -4.30 -5.32 9.18
CA LEU A 536 -5.67 -5.85 9.29
C LEU A 536 -6.04 -6.45 10.65
N PRO A 537 -5.12 -7.23 11.27
CA PRO A 537 -5.44 -7.70 12.62
C PRO A 537 -5.71 -6.55 13.60
N LYS A 538 -4.93 -5.48 13.55
CA LYS A 538 -5.19 -4.28 14.34
C LYS A 538 -6.53 -3.62 13.94
N LEU A 539 -6.75 -3.47 12.64
CA LEU A 539 -8.00 -2.88 12.14
C LEU A 539 -9.22 -3.68 12.59
N LEU A 540 -9.14 -4.99 12.40
CA LEU A 540 -10.24 -5.89 12.72
C LEU A 540 -10.47 -5.99 14.24
N SER A 541 -9.50 -5.54 15.02
CA SER A 541 -9.65 -5.49 16.47
C SER A 541 -10.74 -4.50 16.89
N ALA A 542 -11.14 -3.63 15.96
CA ALA A 542 -12.20 -2.66 16.21
C ALA A 542 -13.13 -2.55 15.00
N GLU B 4 10.14 64.54 -17.37
CA GLU B 4 8.94 63.79 -17.01
C GLU B 4 8.55 62.79 -18.11
N ASP B 5 8.86 61.52 -17.90
CA ASP B 5 8.56 60.47 -18.88
C ASP B 5 7.06 60.22 -18.96
N PRO B 6 6.46 60.52 -20.13
CA PRO B 6 5.02 60.34 -20.32
C PRO B 6 4.59 58.88 -20.28
N GLN B 7 5.51 57.97 -20.50
CA GLN B 7 5.24 56.54 -20.38
C GLN B 7 5.00 56.14 -18.93
N LEU B 8 5.65 56.84 -18.02
CA LEU B 8 5.55 56.54 -16.59
C LEU B 8 4.35 57.25 -15.94
N LEU B 9 3.44 57.75 -16.78
CA LEU B 9 2.28 58.50 -16.29
C LEU B 9 0.96 57.84 -16.63
N VAL B 10 0.26 57.36 -15.60
CA VAL B 10 -1.03 56.72 -15.77
C VAL B 10 -2.13 57.41 -14.96
N ARG B 11 -3.30 57.58 -15.56
CA ARG B 11 -4.48 58.06 -14.83
C ARG B 11 -5.49 56.93 -14.63
N VAL B 12 -5.81 56.68 -13.36
CA VAL B 12 -6.80 55.67 -13.00
C VAL B 12 -7.97 56.30 -12.25
N ARG B 13 -8.96 55.49 -11.90
CA ARG B 13 -10.18 55.97 -11.26
C ARG B 13 -9.99 56.79 -9.98
N GLY B 14 -8.79 56.77 -9.41
CA GLY B 14 -8.55 57.46 -8.16
C GLY B 14 -7.64 58.66 -8.31
N GLY B 15 -6.98 58.76 -9.45
CA GLY B 15 -6.09 59.88 -9.69
C GLY B 15 -4.95 59.58 -10.65
N GLN B 16 -3.82 60.25 -10.47
CA GLN B 16 -2.67 60.08 -11.35
C GLN B 16 -1.50 59.39 -10.67
N LEU B 17 -0.79 58.55 -11.43
CA LEU B 17 0.36 57.83 -10.90
C LEU B 17 1.60 58.13 -11.72
N ARG B 18 2.75 58.20 -11.07
CA ARG B 18 4.02 58.22 -11.76
C ARG B 18 4.79 56.96 -11.41
N GLY B 19 5.07 56.15 -12.43
CA GLY B 19 5.85 54.94 -12.24
C GLY B 19 7.33 55.22 -12.24
N ILE B 20 8.11 54.16 -12.42
CA ILE B 20 9.55 54.28 -12.48
C ILE B 20 10.04 53.38 -13.60
N ARG B 21 11.03 53.83 -14.35
CA ARG B 21 11.55 53.02 -15.45
C ARG B 21 12.67 52.14 -14.93
N LEU B 22 12.45 50.83 -14.97
CA LEU B 22 13.38 49.87 -14.38
C LEU B 22 14.28 49.24 -15.43
N LYS B 23 15.45 48.78 -15.00
CA LYS B 23 16.41 48.14 -15.89
C LYS B 23 16.41 46.62 -15.74
N ALA B 24 16.01 45.93 -16.81
CA ALA B 24 16.13 44.48 -16.89
C ALA B 24 17.23 44.17 -17.90
N PRO B 25 17.91 43.00 -17.76
CA PRO B 25 19.13 42.78 -18.55
C PRO B 25 18.92 42.78 -20.06
N GLY B 26 17.66 42.67 -20.50
CA GLY B 26 17.38 42.70 -21.92
C GLY B 26 16.60 43.92 -22.38
N GLY B 27 16.39 44.88 -21.46
CA GLY B 27 15.69 46.11 -21.79
C GLY B 27 15.03 46.79 -20.60
N PRO B 28 14.39 47.94 -20.82
CA PRO B 28 13.71 48.65 -19.73
C PRO B 28 12.29 48.11 -19.51
N VAL B 29 11.77 48.30 -18.29
CA VAL B 29 10.36 48.02 -18.01
C VAL B 29 9.72 49.16 -17.21
N SER B 30 8.40 49.30 -17.35
CA SER B 30 7.66 50.26 -16.54
C SER B 30 7.13 49.58 -15.29
N ALA B 31 7.39 50.18 -14.13
CA ALA B 31 6.89 49.63 -12.87
C ALA B 31 6.09 50.65 -12.09
N PHE B 32 4.97 50.20 -11.55
CA PHE B 32 4.10 51.06 -10.76
C PHE B 32 3.86 50.39 -9.42
N LEU B 33 4.70 50.74 -8.44
CA LEU B 33 4.74 50.05 -7.16
C LEU B 33 4.11 50.88 -6.05
N GLY B 34 3.34 50.24 -5.16
CA GLY B 34 2.74 50.93 -4.04
C GLY B 34 1.37 51.53 -4.30
N ILE B 35 0.77 51.19 -5.44
CA ILE B 35 -0.57 51.66 -5.76
C ILE B 35 -1.60 51.12 -4.78
N PRO B 36 -2.31 52.03 -4.07
CA PRO B 36 -3.34 51.63 -3.11
C PRO B 36 -4.64 51.24 -3.79
N PHE B 37 -5.23 50.11 -3.38
CA PHE B 37 -6.49 49.68 -3.95
C PHE B 37 -7.59 49.70 -2.89
N ALA B 38 -7.21 50.08 -1.67
CA ALA B 38 -8.15 50.10 -0.55
C ALA B 38 -7.77 51.12 0.51
N GLU B 39 -8.78 51.64 1.20
CA GLU B 39 -8.56 52.47 2.39
C GLU B 39 -7.86 51.63 3.44
N PRO B 40 -6.81 52.21 4.06
CA PRO B 40 -6.01 51.57 5.12
C PRO B 40 -6.86 50.96 6.23
N PRO B 41 -6.77 49.63 6.41
CA PRO B 41 -7.60 48.84 7.34
C PRO B 41 -7.11 48.96 8.78
N VAL B 42 -7.00 50.18 9.27
CA VAL B 42 -6.47 50.45 10.60
C VAL B 42 -7.57 50.87 11.59
N GLY B 43 -7.23 50.89 12.87
CA GLY B 43 -8.16 51.28 13.92
C GLY B 43 -9.40 50.41 13.98
N SER B 44 -10.56 51.04 13.76
CA SER B 44 -11.84 50.33 13.79
C SER B 44 -12.07 49.55 12.51
N ARG B 45 -11.10 49.59 11.61
CA ARG B 45 -11.20 48.84 10.36
C ARG B 45 -10.48 47.48 10.44
N ARG B 46 -9.95 47.16 11.63
CA ARG B 46 -9.30 45.87 11.88
C ARG B 46 -10.32 44.74 11.81
N PHE B 47 -9.93 43.62 11.21
CA PHE B 47 -10.78 42.43 11.04
C PHE B 47 -12.01 42.69 10.17
N MET B 48 -12.02 43.81 9.47
CA MET B 48 -13.19 44.22 8.70
C MET B 48 -12.92 44.14 7.20
N PRO B 49 -14.00 43.97 6.40
CA PRO B 49 -13.85 43.94 4.94
C PRO B 49 -13.22 45.23 4.44
N PRO B 50 -12.43 45.15 3.35
CA PRO B 50 -11.82 46.38 2.85
C PRO B 50 -12.81 47.30 2.15
N GLU B 51 -12.55 48.60 2.14
CA GLU B 51 -13.32 49.54 1.33
C GLU B 51 -12.45 50.05 0.19
N PRO B 52 -13.08 50.36 -0.96
CA PRO B 52 -12.33 50.95 -2.08
C PRO B 52 -11.59 52.25 -1.69
N LYS B 53 -10.42 52.47 -2.28
CA LYS B 53 -9.58 53.66 -2.00
C LYS B 53 -10.26 54.95 -2.45
N ARG B 54 -10.34 55.93 -1.55
CA ARG B 54 -10.84 57.25 -1.91
C ARG B 54 -9.87 57.92 -2.86
N PRO B 55 -10.37 58.71 -3.82
CA PRO B 55 -9.53 59.40 -4.83
C PRO B 55 -8.48 60.31 -4.20
N TRP B 56 -7.41 60.59 -4.93
CA TRP B 56 -6.34 61.47 -4.44
C TRP B 56 -6.09 62.65 -5.39
N SER B 57 -5.35 63.66 -4.90
CA SER B 57 -5.04 64.85 -5.71
C SER B 57 -3.63 64.77 -6.28
N GLY B 58 -3.36 65.58 -7.30
CA GLY B 58 -2.03 65.64 -7.91
C GLY B 58 -1.56 64.30 -8.46
N VAL B 59 -0.24 64.16 -8.59
CA VAL B 59 0.35 62.92 -9.10
C VAL B 59 0.93 62.07 -7.97
N LEU B 60 0.42 60.85 -7.84
CA LEU B 60 0.85 59.92 -6.80
C LEU B 60 2.17 59.23 -7.15
N ASP B 61 3.05 59.10 -6.16
CA ASP B 61 4.37 58.49 -6.34
C ASP B 61 4.32 56.97 -6.26
N ALA B 62 4.37 56.30 -7.42
CA ALA B 62 4.32 54.83 -7.48
C ALA B 62 5.65 54.23 -7.94
N THR B 63 6.71 54.56 -7.20
CA THR B 63 8.07 54.20 -7.60
C THR B 63 8.73 53.25 -6.59
N THR B 64 8.05 53.00 -5.47
CA THR B 64 8.58 52.14 -4.41
C THR B 64 7.55 51.14 -3.91
N PHE B 65 8.01 50.04 -3.35
CA PHE B 65 7.12 49.10 -2.67
C PHE B 65 6.63 49.74 -1.39
N GLN B 66 5.33 49.63 -1.14
CA GLN B 66 4.75 50.09 0.11
C GLN B 66 5.09 49.12 1.24
N ASN B 67 4.51 49.33 2.41
CA ASN B 67 4.80 48.50 3.57
C ASN B 67 4.26 47.08 3.44
N VAL B 68 4.89 46.14 4.14
CA VAL B 68 4.47 44.75 4.17
C VAL B 68 3.41 44.54 5.24
N CYS B 69 2.33 43.84 4.88
CA CYS B 69 1.26 43.55 5.84
C CYS B 69 1.77 42.87 7.12
N TYR B 70 1.24 43.29 8.26
CA TYR B 70 1.81 42.88 9.54
C TYR B 70 1.71 41.39 9.80
N GLN B 71 2.85 40.77 10.13
CA GLN B 71 2.91 39.32 10.21
C GLN B 71 4.02 38.82 11.15
N TYR B 72 4.02 37.51 11.39
CA TYR B 72 5.10 36.85 12.11
C TYR B 72 6.37 36.81 11.25
N VAL B 73 7.52 37.08 11.86
CA VAL B 73 8.80 37.04 11.15
C VAL B 73 9.71 35.93 11.71
N ASP B 74 10.32 35.15 10.82
CA ASP B 74 11.07 33.95 11.22
C ASP B 74 12.37 34.24 11.98
N THR B 75 12.57 33.51 13.07
CA THR B 75 13.73 33.67 13.95
C THR B 75 14.64 32.44 13.93
N LEU B 76 14.21 31.41 13.20
CA LEU B 76 14.90 30.12 13.22
C LEU B 76 16.36 30.19 12.78
N TYR B 77 16.58 30.66 11.56
CA TYR B 77 17.94 30.73 11.02
C TYR B 77 18.34 32.14 10.62
N PRO B 78 18.69 32.97 11.62
CA PRO B 78 19.00 34.38 11.38
C PRO B 78 20.19 34.58 10.43
N GLY B 79 19.95 35.28 9.32
CA GLY B 79 21.00 35.54 8.36
C GLY B 79 21.06 34.54 7.22
N PHE B 80 20.38 33.40 7.39
CA PHE B 80 20.35 32.36 6.36
C PHE B 80 19.46 32.75 5.19
N GLU B 81 20.06 32.87 4.01
CA GLU B 81 19.39 33.42 2.84
C GLU B 81 18.32 32.52 2.25
N GLY B 82 18.09 31.36 2.86
CA GLY B 82 17.05 30.45 2.41
C GLY B 82 15.77 30.61 3.21
N THR B 83 15.91 31.26 4.37
CA THR B 83 14.76 31.61 5.20
C THR B 83 14.43 33.10 5.05
N GLU B 84 15.48 33.92 5.03
CA GLU B 84 15.32 35.36 4.96
C GLU B 84 14.76 35.84 3.63
N MET B 85 14.93 35.04 2.58
CA MET B 85 14.39 35.36 1.27
C MET B 85 12.86 35.36 1.26
N TRP B 86 12.26 34.83 2.31
CA TRP B 86 10.81 34.82 2.47
C TRP B 86 10.38 35.87 3.49
N ASN B 87 11.35 36.34 4.26
CA ASN B 87 11.10 37.38 5.26
C ASN B 87 10.82 38.74 4.61
N PRO B 88 10.08 39.62 5.31
CA PRO B 88 9.73 40.94 4.76
C PRO B 88 10.94 41.79 4.42
N ASN B 89 10.94 42.35 3.20
CA ASN B 89 12.03 43.23 2.76
C ASN B 89 11.63 44.70 2.90
N ARG B 90 10.41 44.95 3.37
CA ARG B 90 9.98 46.31 3.71
C ARG B 90 9.64 46.40 5.20
N GLU B 91 8.96 47.48 5.57
CA GLU B 91 8.58 47.70 6.96
C GLU B 91 7.17 47.18 7.22
N LEU B 92 6.95 46.58 8.39
CA LEU B 92 5.65 46.05 8.72
C LEU B 92 4.68 47.16 9.10
N SER B 93 3.44 47.06 8.60
CA SER B 93 2.39 48.03 8.92
C SER B 93 1.03 47.42 8.59
N GLU B 94 -0.02 47.89 9.28
CA GLU B 94 -1.37 47.49 8.94
C GLU B 94 -1.84 48.27 7.72
N ASP B 95 -1.02 49.22 7.30
CA ASP B 95 -1.22 49.92 6.03
C ASP B 95 -0.62 49.07 4.91
N CYS B 96 -1.22 47.91 4.65
CA CYS B 96 -0.68 46.94 3.70
C CYS B 96 -1.25 47.08 2.31
N LEU B 97 -2.52 47.48 2.25
CA LEU B 97 -3.33 47.29 1.06
C LEU B 97 -2.92 48.13 -0.15
N TYR B 98 -1.80 47.72 -0.75
CA TYR B 98 -1.26 48.34 -1.94
C TYR B 98 -0.94 47.23 -2.94
N LEU B 99 -0.80 47.59 -4.22
CA LEU B 99 -0.45 46.60 -5.23
C LEU B 99 0.62 47.10 -6.18
N ASN B 100 1.18 46.18 -6.95
CA ASN B 100 2.27 46.49 -7.86
C ASN B 100 1.92 46.10 -9.29
N VAL B 101 2.43 46.87 -10.25
CA VAL B 101 2.18 46.62 -11.67
C VAL B 101 3.46 46.74 -12.48
N TRP B 102 3.81 45.68 -13.22
CA TRP B 102 4.87 45.77 -14.22
C TRP B 102 4.26 45.68 -15.61
N THR B 103 4.74 46.52 -16.53
CA THR B 103 4.38 46.42 -17.95
C THR B 103 5.69 46.61 -18.71
N PRO B 104 5.72 46.24 -20.00
CA PRO B 104 6.93 46.53 -20.77
C PRO B 104 7.12 48.03 -20.99
N TYR B 105 8.31 48.43 -21.43
CA TYR B 105 8.61 49.83 -21.75
C TYR B 105 9.12 49.93 -23.18
N PRO B 106 8.37 50.62 -24.05
CA PRO B 106 7.13 51.36 -23.78
C PRO B 106 5.97 50.40 -23.52
N ARG B 107 4.89 50.88 -22.91
CA ARG B 107 3.76 50.03 -22.59
C ARG B 107 3.18 49.43 -23.87
N PRO B 108 2.47 48.29 -23.74
CA PRO B 108 1.90 47.64 -24.93
C PRO B 108 1.07 48.56 -25.81
N ALA B 109 1.18 48.37 -27.13
CA ALA B 109 0.34 49.09 -28.08
C ALA B 109 -1.00 48.39 -28.23
N SER B 110 -1.07 47.14 -27.75
CA SER B 110 -2.26 46.31 -27.86
C SER B 110 -2.67 45.80 -26.48
N PRO B 111 -3.98 45.53 -26.28
CA PRO B 111 -4.45 44.91 -25.04
C PRO B 111 -3.71 43.60 -24.74
N THR B 112 -2.94 43.61 -23.65
CA THR B 112 -2.04 42.50 -23.33
C THR B 112 -2.53 41.70 -22.11
N PRO B 113 -2.55 40.36 -22.21
CA PRO B 113 -3.03 39.50 -21.12
C PRO B 113 -2.34 39.76 -19.77
N VAL B 114 -3.11 39.70 -18.70
CA VAL B 114 -2.61 40.06 -17.37
C VAL B 114 -2.36 38.82 -16.53
N LEU B 115 -1.25 38.82 -15.80
CA LEU B 115 -0.99 37.80 -14.78
C LEU B 115 -1.05 38.43 -13.40
N ILE B 116 -1.87 37.87 -12.53
CA ILE B 116 -1.98 38.37 -11.17
C ILE B 116 -1.38 37.36 -10.20
N TRP B 117 -0.26 37.72 -9.59
CA TRP B 117 0.38 36.87 -8.60
C TRP B 117 -0.22 37.07 -7.20
N ILE B 118 -0.70 35.98 -6.62
CA ILE B 118 -1.14 35.97 -5.23
C ILE B 118 -0.12 35.19 -4.43
N TYR B 119 0.73 35.88 -3.67
CA TYR B 119 1.79 35.20 -2.91
C TYR B 119 1.28 34.18 -1.89
N GLY B 120 2.20 33.39 -1.34
CA GLY B 120 1.89 32.44 -0.29
C GLY B 120 2.60 32.79 1.00
N GLY B 121 2.66 31.82 1.92
CA GLY B 121 3.20 32.04 3.24
C GLY B 121 2.22 31.64 4.33
N GLY B 122 1.44 30.59 4.05
CA GLY B 122 0.54 29.98 5.03
C GLY B 122 -0.56 30.85 5.64
N PHE B 123 -0.99 31.87 4.90
CA PHE B 123 -1.99 32.84 5.39
C PHE B 123 -1.55 33.53 6.68
N TYR B 124 -0.26 33.49 6.97
CA TYR B 124 0.27 34.09 8.20
C TYR B 124 1.42 35.06 7.89
N SER B 125 1.88 35.03 6.65
CA SER B 125 3.04 35.81 6.21
C SER B 125 3.03 35.99 4.71
N GLY B 126 4.05 36.69 4.20
CA GLY B 126 4.19 36.94 2.76
C GLY B 126 4.10 38.41 2.39
N ALA B 127 4.66 38.76 1.23
CA ALA B 127 4.61 40.13 0.68
C ALA B 127 4.89 40.14 -0.81
N ALA B 128 4.26 41.07 -1.52
CA ALA B 128 4.45 41.18 -2.97
C ALA B 128 5.80 41.78 -3.34
N SER B 129 6.53 42.27 -2.34
CA SER B 129 7.77 43.00 -2.57
C SER B 129 9.03 42.13 -2.55
N LEU B 130 8.88 40.84 -2.26
CA LEU B 130 10.01 39.91 -2.28
C LEU B 130 10.66 39.88 -3.67
N ASP B 131 11.96 39.65 -3.71
CA ASP B 131 12.72 39.72 -4.96
C ASP B 131 12.41 38.53 -5.87
N VAL B 132 11.92 37.46 -5.29
CA VAL B 132 11.52 36.28 -6.05
C VAL B 132 10.25 36.54 -6.85
N TYR B 133 9.49 37.55 -6.41
CA TYR B 133 8.25 37.92 -7.09
C TYR B 133 8.46 39.09 -8.04
N ASP B 134 9.72 39.41 -8.28
CA ASP B 134 10.08 40.49 -9.21
C ASP B 134 9.48 40.23 -10.59
N GLY B 135 8.42 40.98 -10.92
CA GLY B 135 7.65 40.76 -12.14
C GLY B 135 8.22 41.46 -13.36
N ARG B 136 9.47 41.88 -13.26
CA ARG B 136 10.13 42.63 -14.34
C ARG B 136 10.56 41.74 -15.51
N PHE B 137 10.95 40.50 -15.22
CA PHE B 137 11.48 39.63 -16.26
C PHE B 137 10.36 39.13 -17.17
N LEU B 138 9.26 38.73 -16.58
CA LEU B 138 8.08 38.28 -17.33
C LEU B 138 7.56 39.40 -18.24
N ALA B 139 7.61 40.63 -17.74
CA ALA B 139 7.17 41.78 -18.52
C ALA B 139 8.14 42.11 -19.65
N GLN B 140 9.43 42.10 -19.34
CA GLN B 140 10.46 42.45 -20.34
C GLN B 140 10.61 41.37 -21.42
N VAL B 141 10.59 40.11 -21.01
CA VAL B 141 10.92 39.02 -21.91
C VAL B 141 9.69 38.45 -22.64
N GLU B 142 8.58 38.32 -21.94
CA GLU B 142 7.36 37.77 -22.52
C GLU B 142 6.35 38.83 -22.93
N GLY B 143 6.59 40.07 -22.54
CA GLY B 143 5.68 41.15 -22.85
C GLY B 143 4.39 41.05 -22.05
N ALA B 144 4.52 40.82 -20.76
CA ALA B 144 3.38 40.55 -19.90
C ALA B 144 3.03 41.75 -19.01
N VAL B 145 1.74 41.95 -18.79
CA VAL B 145 1.32 42.86 -17.73
C VAL B 145 1.20 42.03 -16.45
N LEU B 146 2.07 42.31 -15.49
CA LEU B 146 2.10 41.53 -14.26
C LEU B 146 1.68 42.32 -13.04
N VAL B 147 0.70 41.79 -12.32
CA VAL B 147 0.19 42.44 -11.11
C VAL B 147 0.43 41.56 -9.89
N SER B 148 0.86 42.18 -8.79
CA SER B 148 0.94 41.50 -7.50
C SER B 148 0.41 42.41 -6.39
N MET B 149 -0.54 41.91 -5.60
CA MET B 149 -1.10 42.68 -4.48
C MET B 149 -0.55 42.25 -3.14
N ASN B 150 -0.76 43.09 -2.13
CA ASN B 150 -0.60 42.67 -0.75
C ASN B 150 -1.98 42.31 -0.23
N TYR B 151 -2.06 41.42 0.75
CA TYR B 151 -3.33 41.13 1.43
C TYR B 151 -3.07 40.81 2.91
N ARG B 152 -3.99 41.23 3.77
CA ARG B 152 -3.85 41.01 5.20
C ARG B 152 -3.67 39.53 5.55
N VAL B 153 -2.66 39.25 6.36
CA VAL B 153 -2.32 37.87 6.72
C VAL B 153 -2.52 37.65 8.22
N GLY B 154 -2.46 36.38 8.64
CA GLY B 154 -2.66 36.02 10.04
C GLY B 154 -3.94 36.59 10.64
N THR B 155 -3.84 36.96 11.91
CA THR B 155 -4.95 37.57 12.65
C THR B 155 -5.64 38.70 11.89
N PHE B 156 -4.84 39.58 11.30
CA PHE B 156 -5.39 40.77 10.65
C PHE B 156 -6.20 40.46 9.40
N GLY B 157 -5.89 39.35 8.75
CA GLY B 157 -6.59 38.96 7.53
C GLY B 157 -7.62 37.84 7.71
N PHE B 158 -7.49 37.08 8.79
CA PHE B 158 -8.28 35.86 8.92
C PHE B 158 -8.85 35.52 10.30
N LEU B 159 -8.56 36.34 11.30
CA LEU B 159 -9.23 36.16 12.59
C LEU B 159 -10.72 36.40 12.41
N ALA B 160 -11.53 35.41 12.76
CA ALA B 160 -12.98 35.48 12.55
C ALA B 160 -13.76 35.21 13.82
N LEU B 161 -14.91 35.87 13.94
CA LEU B 161 -15.92 35.53 14.93
C LEU B 161 -17.26 35.41 14.22
N PRO B 162 -17.44 34.31 13.47
CA PRO B 162 -18.51 34.09 12.48
C PRO B 162 -19.88 34.57 12.93
N GLY B 163 -20.61 35.21 12.02
CA GLY B 163 -21.91 35.78 12.34
C GLY B 163 -21.81 37.18 12.92
N SER B 164 -20.60 37.61 13.27
CA SER B 164 -20.40 38.98 13.76
C SER B 164 -20.27 39.93 12.58
N ARG B 165 -20.57 41.21 12.84
CA ARG B 165 -20.47 42.25 11.82
C ARG B 165 -19.04 42.76 11.76
N GLU B 166 -18.32 42.60 12.87
CA GLU B 166 -17.02 43.26 13.05
C GLU B 166 -15.81 42.31 13.07
N ALA B 167 -16.07 41.03 12.83
CA ALA B 167 -15.03 40.01 12.59
C ALA B 167 -15.62 38.86 11.79
N PRO B 168 -16.06 39.14 10.55
CA PRO B 168 -16.82 38.17 9.76
C PRO B 168 -15.93 37.12 9.10
N GLY B 169 -14.62 37.36 9.08
CA GLY B 169 -13.66 36.43 8.51
C GLY B 169 -13.39 36.61 7.03
N ASN B 170 -12.35 35.92 6.55
CA ASN B 170 -11.97 35.90 5.13
C ASN B 170 -11.60 37.27 4.53
N VAL B 171 -11.37 38.27 5.38
CA VAL B 171 -11.12 39.62 4.89
C VAL B 171 -9.85 39.70 4.03
N GLY B 172 -8.85 38.89 4.37
CA GLY B 172 -7.63 38.81 3.57
C GLY B 172 -7.95 38.38 2.16
N LEU B 173 -8.89 37.43 2.04
CA LEU B 173 -9.36 37.00 0.72
C LEU B 173 -10.10 38.13 0.00
N LEU B 174 -10.85 38.93 0.75
CA LEU B 174 -11.59 40.05 0.18
C LEU B 174 -10.67 41.17 -0.30
N ASP B 175 -9.49 41.27 0.31
CA ASP B 175 -8.46 42.20 -0.17
C ASP B 175 -8.02 41.82 -1.58
N GLN B 176 -7.77 40.53 -1.79
CA GLN B 176 -7.45 40.00 -3.11
C GLN B 176 -8.55 40.30 -4.10
N ARG B 177 -9.79 40.00 -3.72
CA ARG B 177 -10.97 40.22 -4.55
C ARG B 177 -11.08 41.69 -4.98
N LEU B 178 -10.74 42.60 -4.07
CA LEU B 178 -10.80 44.02 -4.35
C LEU B 178 -9.70 44.42 -5.34
N ALA B 179 -8.49 43.91 -5.12
CA ALA B 179 -7.38 44.14 -6.04
C ALA B 179 -7.71 43.54 -7.42
N LEU B 180 -8.52 42.50 -7.42
CA LEU B 180 -8.99 41.87 -8.65
C LEU B 180 -9.97 42.79 -9.38
N GLN B 181 -10.87 43.40 -8.62
CA GLN B 181 -11.83 44.38 -9.15
C GLN B 181 -11.10 45.63 -9.62
N TRP B 182 -10.03 45.95 -8.91
CA TRP B 182 -9.21 47.09 -9.27
C TRP B 182 -8.63 46.92 -10.67
N VAL B 183 -8.14 45.72 -10.93
CA VAL B 183 -7.58 45.37 -12.22
C VAL B 183 -8.64 45.44 -13.33
N GLN B 184 -9.84 44.96 -13.02
CA GLN B 184 -10.95 45.06 -13.98
C GLN B 184 -11.19 46.51 -14.37
N GLU B 185 -11.05 47.40 -13.39
CA GLU B 185 -11.35 48.81 -13.59
C GLU B 185 -10.22 49.64 -14.20
N ASN B 186 -8.98 49.34 -13.82
CA ASN B 186 -7.86 50.23 -14.15
C ASN B 186 -6.73 49.64 -15.02
N ILE B 187 -6.76 48.33 -15.30
CA ILE B 187 -5.64 47.68 -15.99
C ILE B 187 -5.46 48.13 -17.45
N ALA B 188 -6.57 48.47 -18.12
CA ALA B 188 -6.52 48.92 -19.50
C ALA B 188 -5.63 50.15 -19.66
N ALA B 189 -5.60 50.98 -18.61
CA ALA B 189 -4.78 52.18 -18.59
C ALA B 189 -3.30 51.85 -18.79
N PHE B 190 -2.88 50.70 -18.27
CA PHE B 190 -1.48 50.30 -18.38
C PHE B 190 -1.22 49.52 -19.66
N GLY B 191 -2.29 49.04 -20.29
CA GLY B 191 -2.19 48.26 -21.52
C GLY B 191 -2.66 46.83 -21.35
N GLY B 192 -3.24 46.54 -20.19
CA GLY B 192 -3.70 45.20 -19.89
C GLY B 192 -5.07 44.88 -20.47
N ASP B 193 -5.24 43.64 -20.92
CA ASP B 193 -6.52 43.14 -21.38
C ASP B 193 -7.28 42.59 -20.17
N PRO B 194 -8.34 43.30 -19.74
CA PRO B 194 -9.07 42.84 -18.55
C PRO B 194 -9.97 41.65 -18.85
N MET B 195 -10.07 41.30 -20.14
CA MET B 195 -10.78 40.09 -20.55
C MET B 195 -9.83 38.91 -20.72
N SER B 196 -8.56 39.12 -20.40
CA SER B 196 -7.59 38.04 -20.37
C SER B 196 -6.77 38.15 -19.09
N VAL B 197 -7.40 37.83 -17.97
CA VAL B 197 -6.74 37.88 -16.67
C VAL B 197 -6.50 36.47 -16.11
N THR B 198 -5.25 36.20 -15.75
CA THR B 198 -4.87 34.89 -15.23
C THR B 198 -4.34 35.00 -13.80
N LEU B 199 -5.00 34.32 -12.86
CA LEU B 199 -4.50 34.23 -11.49
C LEU B 199 -3.39 33.16 -11.44
N PHE B 200 -2.36 33.40 -10.65
CA PHE B 200 -1.37 32.36 -10.35
C PHE B 200 -0.69 32.60 -9.02
N GLY B 201 -0.68 31.58 -8.18
CA GLY B 201 -0.14 31.69 -6.84
C GLY B 201 0.48 30.40 -6.35
N GLU B 202 1.14 30.48 -5.20
CA GLU B 202 1.87 29.34 -4.68
C GLU B 202 1.55 29.11 -3.21
N SER B 203 1.52 27.85 -2.80
CA SER B 203 1.17 27.47 -1.42
C SER B 203 -0.17 28.08 -1.01
N ALA B 204 -0.14 28.98 -0.02
CA ALA B 204 -1.36 29.63 0.45
C ALA B 204 -2.04 30.45 -0.65
N GLY B 205 -1.24 30.96 -1.58
CA GLY B 205 -1.74 31.71 -2.73
C GLY B 205 -2.46 30.82 -3.72
N ALA B 206 -1.95 29.61 -3.92
CA ALA B 206 -2.62 28.65 -4.78
C ALA B 206 -3.97 28.30 -4.17
N ALA B 207 -3.99 28.16 -2.84
CA ALA B 207 -5.24 27.98 -2.12
C ALA B 207 -6.19 29.15 -2.35
N SER B 208 -5.69 30.36 -2.15
CA SER B 208 -6.46 31.58 -2.42
C SER B 208 -7.06 31.57 -3.82
N VAL B 209 -6.20 31.31 -4.82
CA VAL B 209 -6.65 31.18 -6.19
C VAL B 209 -7.79 30.17 -6.30
N GLY B 210 -7.63 29.03 -5.63
CA GLY B 210 -8.66 28.01 -5.62
C GLY B 210 -10.00 28.49 -5.07
N MET B 211 -9.97 29.39 -4.11
CA MET B 211 -11.20 29.87 -3.48
C MET B 211 -11.88 30.93 -4.33
N HIS B 212 -11.08 31.66 -5.11
CA HIS B 212 -11.65 32.62 -6.06
C HIS B 212 -12.37 31.86 -7.17
N ILE B 213 -11.99 30.60 -7.34
CA ILE B 213 -12.68 29.70 -8.24
C ILE B 213 -13.98 29.21 -7.60
N LEU B 214 -13.92 28.97 -6.29
CA LEU B 214 -15.06 28.40 -5.58
C LEU B 214 -16.05 29.46 -5.06
N SER B 215 -15.66 30.73 -5.13
CA SER B 215 -16.55 31.83 -4.73
C SER B 215 -17.07 32.62 -5.94
N LEU B 216 -18.40 32.61 -6.11
CA LEU B 216 -19.04 33.18 -7.30
C LEU B 216 -18.74 34.65 -7.63
N PRO B 217 -18.76 35.54 -6.61
CA PRO B 217 -18.42 36.94 -6.93
C PRO B 217 -17.04 37.12 -7.58
N SER B 218 -16.10 36.22 -7.28
CA SER B 218 -14.74 36.32 -7.83
C SER B 218 -14.67 35.87 -9.28
N ARG B 219 -15.61 35.02 -9.68
CA ARG B 219 -15.58 34.38 -10.99
C ARG B 219 -15.74 35.36 -12.15
N SER B 220 -16.12 36.59 -11.85
CA SER B 220 -16.25 37.63 -12.86
C SER B 220 -14.95 38.39 -13.02
N LEU B 221 -13.92 37.97 -12.30
CA LEU B 221 -12.69 38.76 -12.19
C LEU B 221 -11.48 38.10 -12.87
N PHE B 222 -11.68 36.88 -13.35
CA PHE B 222 -10.60 36.18 -14.06
C PHE B 222 -11.17 35.10 -14.99
N HIS B 223 -10.27 34.45 -15.73
CA HIS B 223 -10.67 33.49 -16.75
C HIS B 223 -9.80 32.25 -16.68
N ARG B 224 -8.63 32.40 -16.08
CA ARG B 224 -7.69 31.29 -15.90
C ARG B 224 -7.02 31.31 -14.53
N ALA B 225 -6.58 30.14 -14.08
CA ALA B 225 -5.95 29.98 -12.77
C ALA B 225 -4.71 29.11 -12.85
N VAL B 226 -3.77 29.35 -11.96
CA VAL B 226 -2.60 28.48 -11.80
C VAL B 226 -2.39 28.22 -10.32
N LEU B 227 -2.35 26.95 -9.94
CA LEU B 227 -2.17 26.58 -8.54
C LEU B 227 -0.85 25.85 -8.37
N GLN B 228 0.11 26.49 -7.71
CA GLN B 228 1.42 25.89 -7.50
C GLN B 228 1.57 25.43 -6.06
N SER B 229 1.65 24.12 -5.85
CA SER B 229 1.93 23.54 -4.54
C SER B 229 0.95 23.97 -3.46
N GLY B 230 -0.33 24.10 -3.80
CA GLY B 230 -1.36 24.47 -2.84
C GLY B 230 -2.77 24.32 -3.39
N THR B 231 -3.71 24.05 -2.48
CA THR B 231 -5.12 23.80 -2.85
C THR B 231 -6.08 24.37 -1.83
N PRO B 232 -7.30 24.72 -2.28
CA PRO B 232 -8.34 25.16 -1.34
C PRO B 232 -8.75 23.99 -0.45
N ASN B 233 -9.01 22.84 -1.07
CA ASN B 233 -9.20 21.61 -0.31
C ASN B 233 -7.90 21.21 0.39
N GLY B 234 -8.00 20.29 1.35
CA GLY B 234 -6.84 19.87 2.11
C GLY B 234 -7.01 20.07 3.61
N PRO B 235 -5.97 19.74 4.38
CA PRO B 235 -6.02 19.81 5.85
C PRO B 235 -5.70 21.18 6.47
N TRP B 236 -4.96 22.02 5.76
CA TRP B 236 -4.42 23.25 6.39
C TRP B 236 -5.03 24.57 5.89
N ALA B 237 -5.74 24.52 4.77
CA ALA B 237 -6.17 25.74 4.07
C ALA B 237 -7.47 26.39 4.58
N THR B 238 -8.35 25.62 5.22
CA THR B 238 -9.55 26.18 5.82
C THR B 238 -9.74 25.72 7.26
N VAL B 239 -10.68 26.37 7.95
CA VAL B 239 -11.17 25.92 9.25
C VAL B 239 -12.69 26.00 9.25
N SER B 240 -13.32 25.43 10.27
CA SER B 240 -14.77 25.52 10.42
C SER B 240 -15.11 26.77 11.21
N ALA B 241 -16.37 27.17 11.17
CA ALA B 241 -16.85 28.29 11.96
C ALA B 241 -16.61 28.03 13.45
N GLY B 242 -16.84 26.80 13.89
CA GLY B 242 -16.67 26.44 15.28
C GLY B 242 -15.23 26.60 15.73
N GLU B 243 -14.31 26.15 14.88
CA GLU B 243 -12.88 26.18 15.19
C GLU B 243 -12.28 27.59 15.08
N ALA B 244 -12.77 28.37 14.12
CA ALA B 244 -12.33 29.74 13.97
C ALA B 244 -12.76 30.56 15.19
N ARG B 245 -14.03 30.40 15.57
CA ARG B 245 -14.57 31.02 16.77
C ARG B 245 -13.76 30.62 17.99
N ARG B 246 -13.36 29.35 18.01
CA ARG B 246 -12.56 28.80 19.11
C ARG B 246 -11.22 29.53 19.24
N ARG B 247 -10.48 29.61 18.13
CA ARG B 247 -9.14 30.20 18.15
C ARG B 247 -9.16 31.69 18.44
N ALA B 248 -10.14 32.40 17.89
CA ALA B 248 -10.30 33.82 18.15
C ALA B 248 -10.60 34.07 19.62
N THR B 249 -11.57 33.34 20.14
CA THR B 249 -11.98 33.46 21.54
C THR B 249 -10.80 33.15 22.46
N LEU B 250 -9.96 32.21 22.05
CA LEU B 250 -8.80 31.82 22.82
C LEU B 250 -7.71 32.89 22.78
N LEU B 251 -7.46 33.43 21.59
CA LEU B 251 -6.46 34.48 21.45
C LEU B 251 -6.82 35.69 22.32
N ALA B 252 -8.10 36.03 22.34
CA ALA B 252 -8.58 37.12 23.16
C ALA B 252 -8.20 36.90 24.62
N ARG B 253 -8.41 35.68 25.10
CA ARG B 253 -8.08 35.31 26.47
C ARG B 253 -6.59 35.52 26.72
N LEU B 254 -5.78 35.14 25.74
CA LEU B 254 -4.33 35.24 25.84
C LEU B 254 -3.82 36.69 25.87
N VAL B 255 -4.54 37.61 25.25
CA VAL B 255 -4.11 39.00 25.23
C VAL B 255 -4.85 39.86 26.27
N GLY B 256 -5.82 39.26 26.96
CA GLY B 256 -6.51 39.93 28.05
C GLY B 256 -7.93 40.40 27.76
N CYS B 257 -8.50 39.92 26.66
CA CYS B 257 -9.84 40.37 26.24
C CYS B 257 -10.92 39.32 26.51
N ASN B 265 -19.52 38.42 24.84
CA ASN B 265 -20.14 39.04 23.67
C ASN B 265 -19.15 39.28 22.52
N ASP B 266 -19.65 39.14 21.29
CA ASP B 266 -18.85 39.40 20.08
C ASP B 266 -18.30 40.82 20.05
N THR B 267 -19.19 41.80 19.83
CA THR B 267 -18.82 43.21 19.71
C THR B 267 -17.83 43.66 20.78
N GLU B 268 -18.09 43.24 22.02
CA GLU B 268 -17.27 43.63 23.15
C GLU B 268 -15.93 42.88 23.21
N LEU B 269 -15.77 41.87 22.36
CA LEU B 269 -14.51 41.13 22.28
C LEU B 269 -13.60 41.64 21.16
N ILE B 270 -14.18 41.84 19.98
CA ILE B 270 -13.44 42.43 18.86
C ILE B 270 -13.05 43.86 19.20
N ALA B 271 -13.86 44.52 20.02
CA ALA B 271 -13.55 45.87 20.49
C ALA B 271 -12.20 45.90 21.19
N CYS B 272 -12.08 45.15 22.28
CA CYS B 272 -10.84 45.11 23.07
C CYS B 272 -9.63 44.66 22.22
N LEU B 273 -9.89 43.78 21.24
CA LEU B 273 -8.85 43.34 20.31
C LEU B 273 -8.25 44.47 19.47
N ARG B 274 -9.08 45.43 19.06
CA ARG B 274 -8.60 46.57 18.26
C ARG B 274 -7.71 47.50 19.08
N THR B 275 -7.82 47.42 20.39
CA THR B 275 -7.05 48.27 21.29
C THR B 275 -5.73 47.60 21.65
N ARG B 276 -5.30 46.66 20.81
CA ARG B 276 -4.05 45.95 21.06
C ARG B 276 -3.03 46.25 19.96
N PRO B 277 -1.79 46.53 20.36
CA PRO B 277 -0.69 46.65 19.40
C PRO B 277 -0.59 45.39 18.55
N ALA B 278 -0.19 45.53 17.30
CA ALA B 278 -0.13 44.39 16.37
C ALA B 278 0.71 43.23 16.89
N GLN B 279 1.90 43.55 17.38
CA GLN B 279 2.85 42.55 17.84
C GLN B 279 2.33 41.76 19.05
N ASP B 280 1.39 42.34 19.79
CA ASP B 280 0.75 41.65 20.92
C ASP B 280 -0.15 40.51 20.44
N LEU B 281 -0.59 40.60 19.20
CA LEU B 281 -1.41 39.55 18.59
C LEU B 281 -0.53 38.49 17.94
N VAL B 282 0.48 38.95 17.21
CA VAL B 282 1.49 38.09 16.59
C VAL B 282 2.25 37.24 17.62
N ASP B 283 2.53 37.83 18.78
CA ASP B 283 3.24 37.14 19.86
C ASP B 283 2.53 35.89 20.37
N HIS B 284 1.22 35.79 20.09
CA HIS B 284 0.41 34.68 20.56
C HIS B 284 -0.27 33.94 19.40
N GLU B 285 0.16 34.24 18.18
CA GLU B 285 -0.48 33.70 16.97
C GLU B 285 -0.52 32.17 16.93
N TRP B 286 0.57 31.53 17.33
CA TRP B 286 0.68 30.08 17.23
C TRP B 286 0.01 29.32 18.37
N HIS B 287 -0.13 29.99 19.51
CA HIS B 287 -0.57 29.36 20.75
C HIS B 287 -2.02 28.89 20.70
N VAL B 288 -2.70 29.16 19.60
CA VAL B 288 -4.10 28.76 19.45
C VAL B 288 -4.31 27.46 18.64
N LEU B 289 -3.22 26.92 18.06
CA LEU B 289 -3.29 25.63 17.40
C LEU B 289 -3.61 24.54 18.43
N PRO B 290 -4.58 23.65 18.09
CA PRO B 290 -5.15 22.65 19.01
C PRO B 290 -4.18 21.54 19.39
N GLN B 291 -3.33 21.14 18.45
CA GLN B 291 -2.31 20.15 18.75
C GLN B 291 -0.96 20.68 18.28
N GLU B 292 0.12 20.13 18.82
CA GLU B 292 1.44 20.42 18.27
C GLU B 292 1.46 19.88 16.84
N SER B 293 1.62 20.78 15.87
CA SER B 293 1.55 20.41 14.47
C SER B 293 2.70 21.01 13.69
N ILE B 294 2.83 20.59 12.43
CA ILE B 294 3.58 21.33 11.42
C ILE B 294 2.70 21.35 10.18
N PHE B 295 2.96 22.31 9.28
CA PHE B 295 2.10 22.54 8.14
C PHE B 295 0.66 22.74 8.60
N ARG B 296 0.50 23.47 9.70
CA ARG B 296 -0.80 23.84 10.21
C ARG B 296 -0.77 25.29 10.67
N PHE B 297 -1.76 26.08 10.25
CA PHE B 297 -1.73 27.51 10.51
C PHE B 297 -2.95 28.00 11.27
N SER B 298 -2.72 28.95 12.19
CA SER B 298 -3.72 29.33 13.17
C SER B 298 -4.84 30.23 12.63
N PHE B 299 -4.50 31.13 11.72
CA PHE B 299 -5.51 32.00 11.15
C PHE B 299 -5.57 31.96 9.64
N VAL B 300 -6.54 31.19 9.14
CA VAL B 300 -6.69 30.89 7.72
C VAL B 300 -8.15 31.12 7.32
N PRO B 301 -8.47 31.00 6.00
CA PRO B 301 -9.87 31.10 5.57
C PRO B 301 -10.82 30.17 6.32
N VAL B 302 -12.10 30.55 6.38
CA VAL B 302 -13.08 29.84 7.19
C VAL B 302 -14.41 29.64 6.45
N VAL B 303 -14.99 28.45 6.55
CA VAL B 303 -16.28 28.17 5.93
C VAL B 303 -17.39 28.97 6.61
N ASP B 304 -17.75 30.09 6.00
CA ASP B 304 -18.66 31.06 6.61
C ASP B 304 -20.07 30.93 6.07
N GLY B 305 -20.22 30.22 4.96
CA GLY B 305 -21.50 30.15 4.27
C GLY B 305 -21.67 31.34 3.34
N ASP B 306 -20.66 32.19 3.28
CA ASP B 306 -20.69 33.37 2.42
C ASP B 306 -19.66 33.28 1.28
N PHE B 307 -18.42 33.67 1.56
CA PHE B 307 -17.33 33.52 0.61
C PHE B 307 -17.26 32.03 0.24
N LEU B 308 -17.32 31.19 1.26
CA LEU B 308 -17.38 29.75 1.05
C LEU B 308 -18.75 29.21 1.48
N SER B 309 -19.63 28.99 0.50
CA SER B 309 -20.96 28.46 0.76
C SER B 309 -20.89 27.16 1.56
N ASP B 310 -19.97 26.29 1.15
CA ASP B 310 -19.74 25.02 1.83
C ASP B 310 -18.23 24.78 1.92
N THR B 311 -17.84 23.57 2.34
CA THR B 311 -16.44 23.20 2.32
C THR B 311 -15.96 23.12 0.88
N PRO B 312 -14.67 23.40 0.64
CA PRO B 312 -14.10 23.29 -0.70
C PRO B 312 -14.38 21.92 -1.31
N GLU B 313 -14.29 20.88 -0.49
CA GLU B 313 -14.59 19.53 -0.92
C GLU B 313 -16.02 19.43 -1.43
N ALA B 314 -16.97 19.80 -0.59
CA ALA B 314 -18.39 19.75 -0.98
C ALA B 314 -18.64 20.62 -2.21
N LEU B 315 -17.85 21.68 -2.36
CA LEU B 315 -17.98 22.61 -3.48
C LEU B 315 -17.31 22.10 -4.78
N ILE B 316 -16.16 21.46 -4.66
CA ILE B 316 -15.51 20.87 -5.83
C ILE B 316 -16.23 19.61 -6.30
N ASN B 317 -16.96 18.99 -5.38
CA ASN B 317 -17.70 17.75 -5.68
C ASN B 317 -18.99 17.99 -6.44
N THR B 318 -19.41 19.26 -6.49
CA THR B 318 -20.71 19.61 -7.08
C THR B 318 -20.58 20.67 -8.18
N GLY B 319 -19.40 21.28 -8.28
CA GLY B 319 -19.18 22.37 -9.21
C GLY B 319 -19.27 22.00 -10.69
N ASP B 320 -19.49 23.02 -11.52
CA ASP B 320 -19.42 22.87 -12.97
C ASP B 320 -18.37 23.83 -13.52
N PHE B 321 -17.27 23.25 -14.01
CA PHE B 321 -16.12 24.04 -14.43
C PHE B 321 -15.92 23.95 -15.94
N GLN B 322 -17.02 23.87 -16.66
CA GLN B 322 -17.03 23.58 -18.10
C GLN B 322 -16.34 24.63 -18.98
N ASP B 323 -15.89 25.73 -18.39
CA ASP B 323 -15.15 26.74 -19.14
C ASP B 323 -13.92 27.23 -18.38
N LEU B 324 -13.62 26.56 -17.27
CA LEU B 324 -12.42 26.84 -16.50
C LEU B 324 -11.18 26.27 -17.21
N GLN B 325 -10.04 26.92 -17.02
CA GLN B 325 -8.77 26.35 -17.45
C GLN B 325 -7.76 26.49 -16.32
N VAL B 326 -7.19 25.37 -15.90
CA VAL B 326 -6.32 25.35 -14.72
C VAL B 326 -4.94 24.78 -15.00
N LEU B 327 -3.94 25.27 -14.29
CA LEU B 327 -2.60 24.72 -14.35
C LEU B 327 -2.15 24.38 -12.93
N VAL B 328 -2.03 23.09 -12.64
CA VAL B 328 -1.67 22.63 -11.29
C VAL B 328 -0.37 21.84 -11.28
N GLY B 329 0.26 21.77 -10.11
CA GLY B 329 1.49 21.02 -9.99
C GLY B 329 2.09 21.08 -8.61
N VAL B 330 3.18 20.33 -8.43
CA VAL B 330 3.88 20.24 -7.15
C VAL B 330 5.38 20.26 -7.43
N VAL B 331 6.18 20.34 -6.36
CA VAL B 331 7.61 20.10 -6.50
C VAL B 331 7.95 18.69 -5.98
N LYS B 332 9.20 18.26 -6.18
CA LYS B 332 9.64 16.92 -5.79
C LYS B 332 9.43 16.68 -4.29
N ASP B 333 10.07 17.50 -3.47
CA ASP B 333 10.02 17.31 -2.03
C ASP B 333 9.19 18.38 -1.32
N GLU B 334 7.87 18.21 -1.37
CA GLU B 334 6.93 19.18 -0.80
C GLU B 334 6.90 19.18 0.73
N GLY B 335 7.78 18.42 1.36
CA GLY B 335 7.71 18.26 2.80
C GLY B 335 8.97 18.52 3.61
N SER B 336 10.11 18.61 2.93
CA SER B 336 11.39 18.80 3.60
C SER B 336 11.47 20.07 4.46
N TYR B 337 10.92 21.16 3.93
CA TYR B 337 10.95 22.47 4.59
C TYR B 337 10.37 22.42 6.01
N PHE B 338 9.28 21.68 6.18
CA PHE B 338 8.47 21.76 7.39
C PHE B 338 8.98 20.89 8.54
N LEU B 339 10.01 20.10 8.28
CA LEU B 339 10.53 19.15 9.26
C LEU B 339 11.47 19.80 10.26
N VAL B 340 12.24 20.79 9.81
CA VAL B 340 13.17 21.49 10.68
C VAL B 340 12.44 22.42 11.63
N TYR B 341 11.15 22.61 11.38
CA TYR B 341 10.32 23.52 12.15
C TYR B 341 9.46 22.83 13.22
N GLY B 342 9.98 21.75 13.80
CA GLY B 342 9.23 21.06 14.84
C GLY B 342 9.58 19.59 15.08
N VAL B 343 9.78 18.83 14.00
CA VAL B 343 10.05 17.41 14.13
C VAL B 343 11.46 17.15 14.65
N PRO B 344 11.55 16.52 15.83
CA PRO B 344 12.84 16.24 16.50
C PRO B 344 13.71 15.36 15.61
N GLY B 345 15.00 15.64 15.55
CA GLY B 345 15.90 14.91 14.68
C GLY B 345 16.19 15.63 13.39
N PHE B 346 15.33 16.56 13.01
CA PHE B 346 15.51 17.29 11.76
C PHE B 346 16.17 18.67 11.92
N SER B 347 17.16 18.91 11.06
CA SER B 347 17.92 20.15 11.02
C SER B 347 18.43 20.28 9.60
N LYS B 348 18.69 21.52 9.17
CA LYS B 348 19.28 21.73 7.85
C LYS B 348 20.79 21.74 7.97
N ASP B 349 21.27 21.57 9.20
CA ASP B 349 22.69 21.66 9.47
C ASP B 349 23.40 20.31 9.62
N ASN B 350 22.66 19.25 9.94
CA ASN B 350 23.21 17.89 9.76
C ASN B 350 22.63 17.18 8.54
N GLU B 351 22.15 15.96 8.74
CA GLU B 351 21.64 15.16 7.63
C GLU B 351 20.30 14.55 8.01
N SER B 352 19.95 14.72 9.28
CA SER B 352 18.66 14.30 9.81
C SER B 352 18.34 12.83 9.54
N LEU B 353 19.33 11.95 9.71
CA LEU B 353 19.07 10.52 9.70
C LEU B 353 18.36 10.22 11.02
N ILE B 354 17.21 9.57 10.94
CA ILE B 354 16.37 9.42 12.14
C ILE B 354 16.09 7.98 12.56
N SER B 355 15.67 7.83 13.82
CA SER B 355 15.33 6.54 14.37
C SER B 355 14.00 6.07 13.79
N ARG B 356 13.32 5.20 14.52
CA ARG B 356 12.01 4.71 14.11
C ARG B 356 10.93 5.30 15.02
N ALA B 357 11.26 5.37 16.30
CA ALA B 357 10.44 6.09 17.27
C ALA B 357 10.34 7.55 16.84
N GLN B 358 11.46 8.07 16.32
CA GLN B 358 11.49 9.43 15.79
C GLN B 358 10.58 9.54 14.57
N PHE B 359 10.55 8.50 13.75
CA PHE B 359 9.66 8.49 12.61
C PHE B 359 8.20 8.48 13.06
N LEU B 360 7.89 7.67 14.07
CA LEU B 360 6.53 7.61 14.59
C LEU B 360 6.16 8.92 15.29
N ALA B 361 7.13 9.50 15.98
CA ALA B 361 6.94 10.78 16.65
C ALA B 361 6.48 11.85 15.65
N GLY B 362 7.18 11.92 14.52
CA GLY B 362 6.89 12.91 13.49
C GLY B 362 5.57 12.70 12.79
N VAL B 363 5.25 11.44 12.50
CA VAL B 363 3.97 11.09 11.88
C VAL B 363 2.81 11.63 12.72
N ARG B 364 2.97 11.57 14.04
CA ARG B 364 1.99 12.11 14.96
C ARG B 364 1.84 13.63 14.83
N ILE B 365 2.91 14.28 14.39
CA ILE B 365 2.94 15.74 14.25
C ILE B 365 2.55 16.19 12.84
N GLY B 366 3.04 15.47 11.84
CA GLY B 366 2.70 15.76 10.46
C GLY B 366 1.22 15.51 10.19
N VAL B 367 0.67 14.53 10.90
CA VAL B 367 -0.75 14.22 10.83
C VAL B 367 -1.33 14.21 12.23
N PRO B 368 -1.54 15.42 12.81
CA PRO B 368 -1.97 15.56 14.21
C PRO B 368 -3.44 15.20 14.37
N GLN B 369 -4.08 15.03 13.23
CA GLN B 369 -5.49 14.71 13.14
C GLN B 369 -5.71 13.21 13.33
N ALA B 370 -4.66 12.44 13.06
CA ALA B 370 -4.74 10.99 13.08
C ALA B 370 -4.99 10.40 14.47
N SER B 371 -5.80 9.35 14.52
CA SER B 371 -5.94 8.54 15.72
C SER B 371 -4.69 7.67 15.87
N ASP B 372 -4.64 6.86 16.92
CA ASP B 372 -3.53 5.93 17.09
C ASP B 372 -3.46 4.99 15.89
N LEU B 373 -4.63 4.51 15.46
CA LEU B 373 -4.72 3.53 14.39
C LEU B 373 -4.37 4.10 13.02
N ALA B 374 -4.84 5.31 12.75
CA ALA B 374 -4.57 5.94 11.46
C ALA B 374 -3.10 6.34 11.35
N ALA B 375 -2.50 6.69 12.49
CA ALA B 375 -1.07 6.99 12.53
C ALA B 375 -0.29 5.73 12.19
N GLU B 376 -0.70 4.61 12.80
CA GLU B 376 -0.12 3.30 12.53
C GLU B 376 -0.23 3.00 11.03
N ALA B 377 -1.41 3.24 10.48
CA ALA B 377 -1.66 3.03 9.06
C ALA B 377 -0.69 3.81 8.17
N VAL B 378 -0.37 5.03 8.59
CA VAL B 378 0.62 5.85 7.89
C VAL B 378 2.01 5.24 7.97
N VAL B 379 2.45 4.92 9.19
CA VAL B 379 3.77 4.31 9.40
C VAL B 379 3.92 3.01 8.59
N LEU B 380 2.89 2.17 8.61
CA LEU B 380 2.93 0.90 7.88
C LEU B 380 3.06 1.10 6.37
N HIS B 381 2.30 2.06 5.83
CA HIS B 381 2.30 2.32 4.40
C HIS B 381 3.63 2.87 3.90
N TYR B 382 4.24 3.73 4.69
CA TYR B 382 5.44 4.45 4.27
C TYR B 382 6.75 3.75 4.60
N THR B 383 6.70 2.78 5.51
CA THR B 383 7.87 2.00 5.85
C THR B 383 8.29 1.10 4.69
N ASP B 384 9.60 1.04 4.43
CA ASP B 384 10.16 0.11 3.46
C ASP B 384 10.59 -1.15 4.20
N TRP B 385 9.77 -2.19 4.15
CA TRP B 385 10.00 -3.38 4.96
C TRP B 385 11.26 -4.16 4.59
N LEU B 386 11.85 -3.86 3.44
CA LEU B 386 13.15 -4.40 3.10
C LEU B 386 14.21 -3.83 4.03
N HIS B 387 14.08 -2.55 4.36
CA HIS B 387 15.01 -1.85 5.24
C HIS B 387 14.24 -0.97 6.21
N PRO B 388 13.39 -1.57 7.06
CA PRO B 388 12.43 -0.78 7.85
C PRO B 388 13.07 0.02 8.97
N GLU B 389 14.40 0.04 9.03
CA GLU B 389 15.13 0.82 10.02
C GLU B 389 16.22 1.69 9.36
N ASP B 390 16.25 1.69 8.03
CA ASP B 390 17.16 2.56 7.29
C ASP B 390 16.82 4.02 7.58
N PRO B 391 17.70 4.72 8.31
CA PRO B 391 17.44 6.09 8.75
C PRO B 391 17.41 7.07 7.59
N THR B 392 18.02 6.68 6.48
CA THR B 392 18.02 7.52 5.27
C THR B 392 16.67 7.44 4.55
N HIS B 393 16.09 6.24 4.51
CA HIS B 393 14.75 6.08 3.95
C HIS B 393 13.70 6.66 4.89
N LEU B 394 13.91 6.46 6.19
CA LEU B 394 12.98 7.00 7.19
C LEU B 394 12.91 8.52 7.14
N ARG B 395 14.05 9.16 6.93
CA ARG B 395 14.12 10.61 6.75
C ARG B 395 13.35 11.05 5.51
N ASP B 396 13.60 10.36 4.40
CA ASP B 396 12.94 10.67 3.13
C ASP B 396 11.44 10.39 3.21
N ALA B 397 11.04 9.46 4.06
CA ALA B 397 9.63 9.11 4.22
C ALA B 397 8.86 10.10 5.09
N MET B 398 9.51 10.58 6.15
CA MET B 398 8.91 11.60 7.01
C MET B 398 8.54 12.82 6.17
N SER B 399 9.44 13.17 5.25
CA SER B 399 9.26 14.28 4.33
C SER B 399 8.12 14.00 3.35
N ALA B 400 8.01 12.73 2.96
CA ALA B 400 7.00 12.31 2.00
C ALA B 400 5.60 12.23 2.62
N VAL B 401 5.52 11.78 3.86
CA VAL B 401 4.25 11.82 4.59
C VAL B 401 3.69 13.25 4.58
N VAL B 402 4.53 14.21 4.94
CA VAL B 402 4.12 15.60 5.03
C VAL B 402 3.75 16.23 3.69
N GLY B 403 4.59 16.03 2.67
CA GLY B 403 4.35 16.60 1.35
C GLY B 403 3.11 16.04 0.67
N ASP B 404 2.87 14.75 0.84
CA ASP B 404 1.74 14.08 0.21
C ASP B 404 0.44 14.39 0.94
N HIS B 405 0.48 14.34 2.26
CA HIS B 405 -0.70 14.62 3.07
C HIS B 405 -1.21 16.03 2.84
N ASN B 406 -0.29 17.00 2.80
CA ASN B 406 -0.66 18.41 2.76
C ASN B 406 -0.78 19.03 1.38
N VAL B 407 -0.02 18.52 0.42
CA VAL B 407 -0.01 19.09 -0.93
C VAL B 407 -0.37 18.11 -2.04
N VAL B 408 0.52 17.15 -2.29
CA VAL B 408 0.43 16.28 -3.47
C VAL B 408 -0.94 15.60 -3.65
N CYS B 409 -1.44 14.96 -2.60
CA CYS B 409 -2.71 14.27 -2.72
C CYS B 409 -3.92 15.21 -2.85
N PRO B 410 -3.95 16.30 -2.05
CA PRO B 410 -4.96 17.33 -2.32
C PRO B 410 -4.92 17.86 -3.75
N VAL B 411 -3.72 18.13 -4.27
CA VAL B 411 -3.58 18.56 -5.66
C VAL B 411 -4.16 17.53 -6.63
N ALA B 412 -3.82 16.26 -6.41
CA ALA B 412 -4.35 15.17 -7.23
C ALA B 412 -5.87 15.06 -7.10
N GLN B 413 -6.37 15.21 -5.88
CA GLN B 413 -7.81 15.20 -5.62
C GLN B 413 -8.51 16.28 -6.44
N LEU B 414 -7.94 17.48 -6.44
CA LEU B 414 -8.55 18.62 -7.12
C LEU B 414 -8.43 18.48 -8.64
N ALA B 415 -7.23 18.13 -9.11
CA ALA B 415 -6.99 17.97 -10.53
C ALA B 415 -7.96 16.98 -11.14
N GLY B 416 -8.33 15.97 -10.35
CA GLY B 416 -9.25 14.94 -10.79
C GLY B 416 -10.67 15.46 -10.86
N ARG B 417 -11.11 16.17 -9.83
CA ARG B 417 -12.49 16.65 -9.79
C ARG B 417 -12.76 17.70 -10.86
N LEU B 418 -11.83 18.63 -11.04
CA LEU B 418 -11.94 19.67 -12.05
C LEU B 418 -12.12 19.06 -13.44
N ALA B 419 -11.21 18.14 -13.78
CA ALA B 419 -11.28 17.45 -15.06
C ALA B 419 -12.58 16.67 -15.22
N ALA B 420 -12.95 15.95 -14.17
CA ALA B 420 -14.18 15.16 -14.17
C ALA B 420 -15.41 16.03 -14.39
N GLN B 421 -15.38 17.25 -13.85
CA GLN B 421 -16.55 18.13 -13.86
C GLN B 421 -16.54 19.19 -14.96
N GLY B 422 -15.60 19.10 -15.91
CA GLY B 422 -15.64 19.94 -17.09
C GLY B 422 -14.46 20.86 -17.35
N ALA B 423 -13.61 21.04 -16.34
CA ALA B 423 -12.46 21.93 -16.47
C ALA B 423 -11.39 21.37 -17.41
N ARG B 424 -10.56 22.26 -17.93
CA ARG B 424 -9.41 21.87 -18.74
C ARG B 424 -8.14 22.06 -17.90
N VAL B 425 -7.60 20.96 -17.38
CA VAL B 425 -6.50 21.06 -16.43
C VAL B 425 -5.17 20.50 -16.94
N TYR B 426 -4.08 21.21 -16.65
CA TYR B 426 -2.73 20.77 -16.99
C TYR B 426 -1.93 20.56 -15.70
N ALA B 427 -1.28 19.40 -15.60
CA ALA B 427 -0.56 19.05 -14.38
C ALA B 427 0.94 18.92 -14.61
N TYR B 428 1.73 19.38 -13.65
CA TYR B 428 3.18 19.27 -13.72
C TYR B 428 3.78 18.76 -12.41
N ILE B 429 5.07 18.40 -12.47
CA ILE B 429 5.87 18.27 -11.26
C ILE B 429 7.26 18.89 -11.48
N PHE B 430 7.66 19.75 -10.55
CA PHE B 430 8.95 20.43 -10.64
C PHE B 430 10.04 19.62 -9.96
N GLU B 431 10.95 19.07 -10.77
CA GLU B 431 11.98 18.14 -10.30
C GLU B 431 13.41 18.67 -10.31
N HIS B 432 13.58 19.93 -10.68
CA HIS B 432 14.91 20.53 -10.71
C HIS B 432 15.27 21.19 -9.39
N ARG B 433 16.48 20.93 -8.91
CA ARG B 433 16.99 21.60 -7.72
C ARG B 433 18.04 22.64 -8.13
N ALA B 434 17.82 23.89 -7.73
CA ALA B 434 18.69 25.00 -8.13
C ALA B 434 20.15 24.82 -7.67
N SER B 435 21.07 25.17 -8.57
CA SER B 435 22.50 25.12 -8.29
C SER B 435 22.89 26.11 -7.20
N THR B 436 22.02 27.07 -6.95
CA THR B 436 22.27 28.13 -5.98
C THR B 436 21.59 27.88 -4.64
N LEU B 437 20.81 26.80 -4.57
CA LEU B 437 20.05 26.46 -3.38
C LEU B 437 20.95 26.33 -2.14
N THR B 438 20.55 26.98 -1.05
CA THR B 438 21.39 27.07 0.15
C THR B 438 20.96 26.08 1.23
N TRP B 439 19.79 25.49 1.04
CA TRP B 439 19.33 24.38 1.88
C TRP B 439 20.19 23.14 1.63
N PRO B 440 20.21 22.19 2.60
CA PRO B 440 21.01 20.97 2.40
C PRO B 440 20.43 20.07 1.31
N LEU B 441 21.24 19.13 0.82
CA LEU B 441 20.84 18.30 -0.30
C LEU B 441 19.68 17.36 -0.01
N TRP B 442 19.61 16.88 1.23
CA TRP B 442 18.59 15.91 1.61
C TRP B 442 17.17 16.45 1.49
N MET B 443 17.05 17.77 1.44
CA MET B 443 15.77 18.42 1.22
C MET B 443 15.35 18.40 -0.24
N GLY B 444 16.30 18.17 -1.12
CA GLY B 444 16.03 18.09 -2.54
C GLY B 444 15.45 19.36 -3.14
N VAL B 445 14.24 19.24 -3.71
CA VAL B 445 13.51 20.39 -4.25
C VAL B 445 12.38 20.75 -3.30
N PRO B 446 12.62 21.70 -2.38
CA PRO B 446 11.63 22.03 -1.33
C PRO B 446 10.54 22.97 -1.79
N HIS B 447 9.53 23.11 -0.95
CA HIS B 447 8.37 23.97 -1.19
C HIS B 447 8.78 25.39 -1.62
N GLY B 448 8.27 25.85 -2.76
CA GLY B 448 8.49 27.22 -3.21
C GLY B 448 9.72 27.48 -4.06
N TYR B 449 10.36 26.42 -4.56
CA TYR B 449 11.58 26.64 -5.32
C TYR B 449 11.43 26.43 -6.83
N GLU B 450 10.18 26.42 -7.27
CA GLU B 450 9.84 26.59 -8.68
C GLU B 450 9.75 28.09 -8.99
N ILE B 451 9.44 28.88 -7.97
CA ILE B 451 9.15 30.30 -8.11
C ILE B 451 10.27 31.14 -8.74
N GLU B 452 11.51 30.95 -8.31
CA GLU B 452 12.65 31.68 -8.86
C GLU B 452 12.67 31.55 -10.38
N PHE B 453 12.22 30.40 -10.85
CA PHE B 453 12.30 30.04 -12.27
C PHE B 453 11.11 30.52 -13.10
N ILE B 454 9.92 30.55 -12.51
CA ILE B 454 8.75 31.07 -13.19
C ILE B 454 8.88 32.57 -13.40
N PHE B 455 9.48 33.24 -12.44
CA PHE B 455 9.64 34.69 -12.50
C PHE B 455 10.88 35.14 -13.29
N GLY B 456 11.80 34.21 -13.54
CA GLY B 456 12.93 34.48 -14.41
C GLY B 456 14.18 35.03 -13.74
N LEU B 457 14.28 34.85 -12.43
CA LEU B 457 15.44 35.32 -11.66
C LEU B 457 16.81 34.88 -12.20
N PRO B 458 16.92 33.66 -12.78
CA PRO B 458 18.12 33.23 -13.51
C PRO B 458 18.70 34.26 -14.49
N LEU B 459 17.84 35.06 -15.11
CA LEU B 459 18.27 36.06 -16.08
C LEU B 459 19.06 37.24 -15.46
N ASP B 460 18.93 37.41 -14.15
CA ASP B 460 19.80 38.33 -13.40
C ASP B 460 21.16 37.67 -13.25
N PRO B 461 22.17 38.20 -13.96
CA PRO B 461 23.49 37.56 -14.08
C PRO B 461 24.24 37.53 -12.74
N SER B 462 23.87 38.44 -11.84
CA SER B 462 24.47 38.51 -10.51
C SER B 462 24.05 37.33 -9.62
N LEU B 463 22.99 36.64 -10.01
CA LEU B 463 22.47 35.53 -9.22
C LEU B 463 23.28 34.25 -9.40
N ASN B 464 24.20 34.27 -10.36
CA ASN B 464 25.10 33.15 -10.61
C ASN B 464 24.42 31.82 -10.89
N TYR B 465 23.26 31.87 -11.54
CA TYR B 465 22.62 30.65 -12.04
C TYR B 465 23.44 30.12 -13.22
N THR B 466 23.27 28.85 -13.56
CA THR B 466 24.01 28.26 -14.67
C THR B 466 23.35 28.56 -16.00
N THR B 467 24.11 28.42 -17.09
CA THR B 467 23.64 28.79 -18.41
C THR B 467 22.47 27.92 -18.91
N GLU B 468 22.28 26.77 -18.27
CA GLU B 468 21.18 25.89 -18.63
C GLU B 468 19.95 26.17 -17.75
N GLU B 469 20.21 26.62 -16.52
CA GLU B 469 19.13 27.03 -15.62
C GLU B 469 18.49 28.30 -16.15
N ARG B 470 19.28 29.05 -16.93
CA ARG B 470 18.81 30.25 -17.58
C ARG B 470 17.82 29.88 -18.67
N ILE B 471 18.21 28.93 -19.52
CA ILE B 471 17.35 28.43 -20.59
C ILE B 471 16.08 27.75 -20.05
N PHE B 472 16.22 27.02 -18.95
CA PHE B 472 15.10 26.33 -18.32
C PHE B 472 14.05 27.32 -17.82
N ALA B 473 14.50 28.41 -17.21
CA ALA B 473 13.59 29.45 -16.72
C ALA B 473 12.80 30.08 -17.87
N GLN B 474 13.46 30.27 -19.00
CA GLN B 474 12.82 30.89 -20.16
C GLN B 474 11.73 29.97 -20.71
N ARG B 475 11.92 28.68 -20.52
CA ARG B 475 10.97 27.68 -20.99
C ARG B 475 9.71 27.71 -20.13
N LEU B 476 9.90 27.84 -18.83
CA LEU B 476 8.78 27.88 -17.90
C LEU B 476 7.98 29.16 -18.06
N MET B 477 8.68 30.29 -18.17
CA MET B 477 8.05 31.57 -18.43
C MET B 477 7.21 31.48 -19.69
N LYS B 478 7.72 30.77 -20.70
CA LYS B 478 6.97 30.51 -21.92
C LYS B 478 5.70 29.72 -21.63
N TYR B 479 5.82 28.65 -20.85
CA TYR B 479 4.67 27.82 -20.47
C TYR B 479 3.60 28.63 -19.76
N TRP B 480 4.04 29.37 -18.74
CA TRP B 480 3.12 30.16 -17.91
C TRP B 480 2.39 31.24 -18.70
N THR B 481 3.15 31.98 -19.50
CA THR B 481 2.58 33.02 -20.34
C THR B 481 1.68 32.47 -21.43
N ASN B 482 2.18 31.47 -22.15
CA ASN B 482 1.37 30.77 -23.15
C ASN B 482 0.05 30.33 -22.54
N PHE B 483 0.10 29.81 -21.33
CA PHE B 483 -1.10 29.42 -20.63
C PHE B 483 -2.01 30.64 -20.44
N ALA B 484 -1.44 31.72 -19.92
CA ALA B 484 -2.20 32.96 -19.71
C ALA B 484 -2.86 33.49 -20.99
N ARG B 485 -2.11 33.47 -22.09
CA ARG B 485 -2.65 33.92 -23.38
C ARG B 485 -3.73 32.99 -23.91
N THR B 486 -3.58 31.69 -23.68
CA THR B 486 -4.42 30.71 -24.37
C THR B 486 -5.17 29.69 -23.49
N GLY B 487 -4.67 29.43 -22.30
CA GLY B 487 -5.20 28.35 -21.50
C GLY B 487 -4.61 27.03 -21.99
N ASP B 488 -3.42 27.14 -22.55
CA ASP B 488 -2.69 26.01 -23.11
C ASP B 488 -1.20 26.32 -23.10
N PRO B 489 -0.44 25.58 -22.29
CA PRO B 489 0.99 25.84 -22.04
C PRO B 489 1.88 25.65 -23.26
N ASN B 490 1.34 25.08 -24.33
CA ASN B 490 2.15 24.71 -25.49
C ASN B 490 2.44 25.84 -26.47
N ASP B 491 3.73 26.08 -26.68
CA ASP B 491 4.22 27.02 -27.69
C ASP B 491 3.75 26.52 -29.07
N PRO B 492 2.84 27.26 -29.72
CA PRO B 492 2.24 26.81 -31.00
C PRO B 492 3.19 26.97 -32.18
N ARG B 493 4.48 26.83 -31.91
CA ARG B 493 5.52 26.96 -32.91
C ARG B 493 6.49 25.77 -32.83
N ASP B 494 6.30 24.92 -31.84
CA ASP B 494 7.19 23.78 -31.61
C ASP B 494 6.65 22.48 -32.20
N SER B 495 7.25 21.36 -31.80
CA SER B 495 6.90 20.03 -32.30
C SER B 495 7.72 18.93 -31.59
N LYS B 496 7.25 17.69 -31.68
CA LYS B 496 8.01 16.47 -31.28
C LYS B 496 8.35 16.29 -29.80
N SER B 497 8.49 17.39 -29.07
CA SER B 497 9.15 17.44 -27.74
C SER B 497 8.98 16.30 -26.70
N PRO B 498 7.75 15.82 -26.44
CA PRO B 498 6.45 16.07 -27.06
C PRO B 498 5.63 17.21 -26.42
N GLN B 499 4.32 17.06 -26.52
CA GLN B 499 3.37 18.07 -26.06
C GLN B 499 2.88 17.79 -24.64
N TRP B 500 2.66 18.85 -23.89
CA TRP B 500 2.04 18.77 -22.57
C TRP B 500 0.55 18.50 -22.74
N PRO B 501 0.09 17.29 -22.33
CA PRO B 501 -1.31 16.90 -22.54
C PRO B 501 -2.17 17.24 -21.33
N PRO B 502 -3.47 17.49 -21.56
CA PRO B 502 -4.38 17.78 -20.44
C PRO B 502 -4.43 16.63 -19.43
N TYR B 503 -4.51 16.94 -18.14
CA TYR B 503 -4.73 15.92 -17.12
C TYR B 503 -6.16 15.42 -17.23
N THR B 504 -6.32 14.10 -17.30
CA THR B 504 -7.65 13.49 -17.34
C THR B 504 -7.88 12.52 -16.19
N THR B 505 -9.14 12.30 -15.84
CA THR B 505 -9.49 11.29 -14.85
C THR B 505 -9.10 9.91 -15.38
N ALA B 506 -9.17 9.76 -16.70
CA ALA B 506 -8.76 8.52 -17.35
C ALA B 506 -7.26 8.29 -17.28
N ALA B 507 -6.52 8.94 -18.17
CA ALA B 507 -5.08 8.71 -18.31
C ALA B 507 -4.22 9.26 -17.16
N GLN B 508 -4.72 10.27 -16.45
CA GLN B 508 -3.99 10.89 -15.36
C GLN B 508 -2.58 11.34 -15.76
N GLN B 509 -2.44 11.87 -16.97
CA GLN B 509 -1.13 12.29 -17.46
C GLN B 509 -0.69 13.65 -16.91
N TYR B 510 0.61 13.76 -16.64
CA TYR B 510 1.24 15.01 -16.24
C TYR B 510 2.68 15.00 -16.74
N VAL B 511 3.34 16.15 -16.73
CA VAL B 511 4.71 16.24 -17.22
C VAL B 511 5.68 16.57 -16.08
N SER B 512 6.98 16.38 -16.32
CA SER B 512 7.98 16.74 -15.33
C SER B 512 8.80 17.93 -15.85
N LEU B 513 9.17 18.82 -14.94
CA LEU B 513 9.92 20.01 -15.32
C LEU B 513 11.34 19.98 -14.77
N ASN B 514 12.30 19.70 -15.65
CA ASN B 514 13.72 19.74 -15.33
C ASN B 514 14.51 20.21 -16.53
N LEU B 515 15.81 19.94 -16.54
CA LEU B 515 16.67 20.43 -17.62
C LEU B 515 16.47 19.64 -18.93
N LYS B 516 16.06 18.37 -18.80
CA LYS B 516 15.74 17.54 -19.96
C LYS B 516 14.37 17.94 -20.51
N PRO B 517 14.11 17.64 -21.79
CA PRO B 517 12.81 17.92 -22.42
C PRO B 517 11.62 17.29 -21.70
N LEU B 518 10.41 17.69 -22.08
CA LEU B 518 9.20 17.21 -21.42
C LEU B 518 9.06 15.69 -21.44
N GLU B 519 8.75 15.14 -20.27
CA GLU B 519 8.50 13.71 -20.13
C GLU B 519 7.09 13.52 -19.60
N VAL B 520 6.24 12.84 -20.38
CA VAL B 520 4.88 12.57 -19.96
C VAL B 520 4.80 11.34 -19.05
N ARG B 521 4.22 11.51 -17.86
CA ARG B 521 4.00 10.41 -16.93
C ARG B 521 2.52 10.23 -16.65
N ARG B 522 2.15 9.11 -16.05
CA ARG B 522 0.75 8.82 -15.74
C ARG B 522 0.59 8.43 -14.28
N GLY B 523 -0.46 8.94 -13.65
CA GLY B 523 -0.71 8.70 -12.24
C GLY B 523 0.18 9.55 -11.36
N LEU B 524 -0.44 10.42 -10.57
CA LEU B 524 0.29 11.27 -9.65
C LEU B 524 0.19 10.69 -8.24
N ARG B 525 1.16 9.86 -7.86
CA ARG B 525 1.13 9.15 -6.58
C ARG B 525 -0.18 8.40 -6.45
N ALA B 526 -0.65 7.81 -7.55
CA ALA B 526 -2.03 7.32 -7.66
C ALA B 526 -2.43 6.38 -6.53
N GLN B 527 -1.51 5.48 -6.18
CA GLN B 527 -1.74 4.52 -5.11
C GLN B 527 -1.63 5.17 -3.74
N THR B 528 -0.59 5.96 -3.56
CA THR B 528 -0.33 6.62 -2.28
C THR B 528 -1.42 7.64 -1.96
N CYS B 529 -2.02 8.22 -2.98
CA CYS B 529 -3.07 9.20 -2.76
C CYS B 529 -4.42 8.58 -2.49
N ALA B 530 -4.69 7.44 -3.13
CA ALA B 530 -5.90 6.69 -2.82
C ALA B 530 -5.93 6.37 -1.32
N PHE B 531 -4.77 6.07 -0.77
CA PHE B 531 -4.65 5.89 0.67
C PHE B 531 -5.03 7.17 1.41
N TRP B 532 -4.52 8.32 0.97
CA TRP B 532 -4.84 9.58 1.62
C TRP B 532 -6.25 10.04 1.34
N ASN B 533 -6.61 10.10 0.06
CA ASN B 533 -7.89 10.67 -0.35
C ASN B 533 -9.10 9.77 -0.07
N ARG B 534 -8.94 8.46 -0.24
CA ARG B 534 -10.05 7.53 -0.13
C ARG B 534 -10.15 6.78 1.20
N PHE B 535 -9.03 6.25 1.69
CA PHE B 535 -9.07 5.38 2.85
C PHE B 535 -9.08 6.07 4.21
N LEU B 536 -8.10 6.93 4.45
CA LEU B 536 -7.93 7.54 5.76
C LEU B 536 -9.18 8.28 6.29
N PRO B 537 -9.91 9.01 5.41
CA PRO B 537 -11.20 9.54 5.86
C PRO B 537 -12.08 8.44 6.43
N LYS B 538 -12.45 7.45 5.63
CA LYS B 538 -13.33 6.36 6.06
C LYS B 538 -12.85 5.72 7.36
N LEU B 539 -11.55 5.70 7.58
CA LEU B 539 -10.99 5.16 8.81
C LEU B 539 -11.48 6.00 9.98
N LEU B 540 -11.05 7.25 10.01
CA LEU B 540 -11.50 8.20 11.02
C LEU B 540 -13.00 8.51 10.94
N SER B 541 -13.55 8.55 9.72
CA SER B 541 -14.99 8.71 9.51
C SER B 541 -15.77 7.61 10.23
N ALA B 542 -15.17 6.43 10.28
CA ALA B 542 -15.68 5.36 11.14
C ALA B 542 -15.10 5.53 12.54
N THR B 543 -14.27 4.58 12.97
CA THR B 543 -13.75 4.50 14.35
C THR B 543 -14.86 4.50 15.40
#